data_5FJH
#
_entry.id   5FJH
#
_cell.length_a   89.240
_cell.length_b   95.920
_cell.length_c   100.430
_cell.angle_alpha   90.00
_cell.angle_beta   90.00
_cell.angle_gamma   90.00
#
_symmetry.space_group_name_H-M   'P 2 21 21'
#
loop_
_entity.id
_entity.type
_entity.pdbx_description
1 polymer 'LYSINE-SPECIFIC DEMETHYLASE 4C'
2 non-polymer 'NICKEL (II) ION'
3 non-polymer '2-{[(2-{[(E)-2-(dimethylamino)ethenyl](ethyl)amino}-2-oxoethyl)amino]methyl}pyridine-4-carboxylic acid'
4 non-polymer 'ZINC ION'
5 non-polymer 'CHLORIDE ION'
6 non-polymer 1,2-ETHANEDIOL
7 water water
#
_entity_poly.entity_id   1
_entity_poly.type   'polypeptide(L)'
_entity_poly.pdbx_seq_one_letter_code
;GPMNVAEVESPLNPSCKIMTFRPSMEEFREFNKYLAYMESKGAHRAGLAKVIPPKEWKPRQCYDDIDNLLIPAPIQQMVT
GQSGLFTQYNIQKKAMTVKEFRQLANSGKYCTPRYLDYEDLERKYWKNLTFVAPIYGADINGSIYDEGVDEWNIARLNTV
LDVVEEECGISIEGVNTPYLYFGMWKTTFAWHTEDMDLYSINYLHFGEPKSWYAIPPEHGKRLERLAQGFFPSSSQGCDA
FLRHKMTLISPSVLKKYGIPFDKITQEAGEFMITFPYGYHAGFNHGFNCAESTNFATVRWIDYGKVAKLCTCRKDMVKIS
MDIFVRKFQPDRYQLWKQGKDIYTIDHTK
;
_entity_poly.pdbx_strand_id   A,B
#
loop_
_chem_comp.id
_chem_comp.type
_chem_comp.name
_chem_comp.formula
CL non-polymer 'CHLORIDE ION' 'Cl -1'
EDO non-polymer 1,2-ETHANEDIOL 'C2 H6 O2'
MMK non-polymer '2-{[(2-{[(E)-2-(dimethylamino)ethenyl](ethyl)amino}-2-oxoethyl)amino]methyl}pyridine-4-carboxylic acid' 'C15 H22 N4 O3'
NI non-polymer 'NICKEL (II) ION' 'Ni 2'
ZN non-polymer 'ZINC ION' 'Zn 2'
#
# COMPACT_ATOMS: atom_id res chain seq x y z
N LEU A 12 9.30 -4.79 7.25
CA LEU A 12 8.60 -4.43 8.47
C LEU A 12 9.04 -5.31 9.64
N ASN A 13 9.20 -4.72 10.82
CA ASN A 13 9.64 -5.43 12.03
C ASN A 13 8.53 -5.29 13.07
N PRO A 14 7.51 -6.16 13.02
CA PRO A 14 6.32 -5.91 13.86
C PRO A 14 6.56 -6.14 15.34
N SER A 15 7.54 -6.96 15.72
CA SER A 15 7.85 -7.14 17.13
C SER A 15 8.71 -6.00 17.69
N CYS A 16 9.24 -5.13 16.83
CA CYS A 16 10.11 -4.02 17.24
C CYS A 16 11.33 -4.51 18.02
N LYS A 17 11.81 -5.71 17.70
CA LYS A 17 12.99 -6.26 18.37
C LYS A 17 14.27 -5.73 17.73
N ILE A 18 15.34 -5.69 18.52
CA ILE A 18 16.62 -5.11 18.09
C ILE A 18 17.28 -6.05 17.10
N MET A 19 17.59 -5.52 15.91
CA MET A 19 18.17 -6.30 14.84
C MET A 19 19.69 -6.19 14.83
N THR A 20 20.35 -7.26 14.40
CA THR A 20 21.78 -7.31 14.22
C THR A 20 22.09 -7.57 12.76
N PHE A 21 23.00 -6.79 12.18
CA PHE A 21 23.37 -6.92 10.78
C PHE A 21 24.83 -7.34 10.66
N ARG A 22 25.12 -8.24 9.70
CA ARG A 22 26.47 -8.71 9.40
C ARG A 22 26.77 -8.52 7.94
N PRO A 23 27.00 -7.30 7.50
CA PRO A 23 27.25 -7.07 6.05
C PRO A 23 28.59 -7.65 5.60
N SER A 24 28.59 -8.20 4.40
CA SER A 24 29.85 -8.46 3.72
C SER A 24 30.58 -7.13 3.48
N MET A 25 31.84 -7.23 3.07
CA MET A 25 32.60 -6.02 2.80
C MET A 25 31.97 -5.22 1.67
N GLU A 26 31.43 -5.90 0.66
CA GLU A 26 30.81 -5.21 -0.47
C GLU A 26 29.58 -4.43 -0.03
N GLU A 27 28.83 -4.98 0.92
CA GLU A 27 27.63 -4.34 1.45
C GLU A 27 27.97 -3.23 2.41
N PHE A 28 29.16 -3.30 3.01
CA PHE A 28 29.51 -2.42 4.11
C PHE A 28 30.05 -1.08 3.65
N ARG A 29 30.60 -0.99 2.44
CA ARG A 29 31.48 0.11 2.08
C ARG A 29 30.82 1.48 2.26
N GLU A 30 29.58 1.63 1.77
CA GLU A 30 28.89 2.92 1.81
C GLU A 30 27.89 2.92 2.95
N PHE A 31 28.23 3.66 4.03
CA PHE A 31 27.36 3.75 5.20
C PHE A 31 25.96 4.27 4.86
N ASN A 32 25.87 5.33 4.07
CA ASN A 32 24.55 5.92 3.81
C ASN A 32 23.64 4.93 3.10
N LYS A 33 24.18 4.20 2.12
CA LYS A 33 23.40 3.17 1.45
C LYS A 33 22.99 2.05 2.41
N TYR A 34 23.90 1.59 3.26
CA TYR A 34 23.55 0.51 4.18
C TYR A 34 22.52 0.95 5.20
N LEU A 35 22.57 2.20 5.66
CA LEU A 35 21.56 2.66 6.60
C LEU A 35 20.18 2.64 5.94
N ALA A 36 20.08 3.00 4.66
CA ALA A 36 18.80 2.88 3.96
C ALA A 36 18.33 1.42 3.94
N TYR A 37 19.25 0.50 3.68
CA TYR A 37 18.92 -0.92 3.72
C TYR A 37 18.41 -1.35 5.10
N MET A 38 19.10 -0.95 6.17
CA MET A 38 18.65 -1.32 7.52
C MET A 38 17.22 -0.86 7.77
N GLU A 39 16.90 0.38 7.39
CA GLU A 39 15.53 0.86 7.63
C GLU A 39 14.53 0.17 6.72
N SER A 40 14.92 -0.17 5.50
CA SER A 40 14.00 -0.93 4.67
C SER A 40 13.68 -2.30 5.27
N LYS A 41 14.55 -2.83 6.13
CA LYS A 41 14.26 -4.06 6.85
C LYS A 41 13.56 -3.79 8.18
N GLY A 42 13.22 -2.54 8.48
CA GLY A 42 12.48 -2.21 9.68
C GLY A 42 13.32 -2.04 10.92
N ALA A 43 14.61 -1.78 10.78
CA ALA A 43 15.49 -1.77 11.93
C ALA A 43 15.19 -0.63 12.90
N HIS A 44 14.65 0.48 12.38
CA HIS A 44 14.37 1.67 13.19
C HIS A 44 13.23 1.45 14.17
N ARG A 45 12.37 0.46 13.94
CA ARG A 45 11.21 0.29 14.81
C ARG A 45 11.60 -0.08 16.22
N ALA A 46 12.77 -0.70 16.42
CA ALA A 46 13.27 -0.99 17.77
C ALA A 46 13.94 0.20 18.42
N GLY A 47 14.28 1.23 17.63
CA GLY A 47 14.97 2.39 18.14
C GLY A 47 16.47 2.22 18.21
N LEU A 48 16.96 1.02 17.97
CA LEU A 48 18.37 0.70 18.12
C LEU A 48 18.69 -0.51 17.22
N ALA A 49 19.89 -0.53 16.65
CA ALA A 49 20.32 -1.70 15.90
C ALA A 49 21.83 -1.85 16.06
N LYS A 50 22.29 -3.08 15.83
CA LYS A 50 23.72 -3.42 15.84
C LYS A 50 24.19 -3.78 14.45
N VAL A 51 25.37 -3.29 14.08
CA VAL A 51 26.04 -3.65 12.83
C VAL A 51 27.41 -4.22 13.19
N ILE A 52 27.66 -5.45 12.76
CA ILE A 52 28.95 -6.11 12.94
C ILE A 52 29.71 -6.00 11.62
N PRO A 53 30.79 -5.24 11.55
CA PRO A 53 31.50 -5.09 10.28
C PRO A 53 32.28 -6.35 9.97
N PRO A 54 32.61 -6.58 8.70
CA PRO A 54 33.42 -7.75 8.34
C PRO A 54 34.76 -7.72 9.05
N LYS A 55 35.28 -8.92 9.34
CA LYS A 55 36.47 -9.08 10.16
C LYS A 55 37.69 -8.43 9.53
N GLU A 56 37.69 -8.24 8.22
CA GLU A 56 38.82 -7.61 7.56
C GLU A 56 38.95 -6.13 7.92
N TRP A 57 37.85 -5.46 8.21
CA TRP A 57 37.86 -4.00 8.36
C TRP A 57 38.42 -3.58 9.71
N LYS A 58 39.35 -2.61 9.69
CA LYS A 58 40.00 -2.08 10.87
C LYS A 58 40.10 -0.55 10.82
N PRO A 59 39.38 0.16 11.69
CA PRO A 59 39.50 1.64 11.70
C PRO A 59 40.82 2.15 12.26
N ARG A 60 41.61 1.32 12.94
CA ARG A 60 42.90 1.74 13.45
C ARG A 60 43.77 0.52 13.57
N GLN A 61 45.00 0.61 13.07
CA GLN A 61 45.87 -0.55 13.04
C GLN A 61 46.42 -0.90 14.41
N CYS A 62 46.65 0.10 15.25
CA CYS A 62 47.26 -0.12 16.56
C CYS A 62 46.71 0.90 17.53
N TYR A 63 46.23 0.43 18.69
CA TYR A 63 45.69 1.33 19.70
C TYR A 63 46.71 1.72 20.75
N ASP A 64 47.98 1.34 20.61
CA ASP A 64 48.94 1.49 21.70
C ASP A 64 49.12 2.94 22.12
N ASP A 65 49.14 3.87 21.18
CA ASP A 65 49.45 5.25 21.56
C ASP A 65 48.26 5.97 22.15
N ILE A 66 47.07 5.34 22.16
CA ILE A 66 45.91 5.91 22.83
C ILE A 66 46.16 6.02 24.32
N ASP A 67 47.05 5.18 24.85
CA ASP A 67 47.42 5.25 26.27
C ASP A 67 47.85 6.65 26.69
N ASN A 68 48.54 7.39 25.81
CA ASN A 68 49.00 8.73 26.11
C ASN A 68 47.96 9.81 25.90
N LEU A 69 46.76 9.47 25.43
CA LEU A 69 45.71 10.47 25.23
C LEU A 69 45.23 11.01 26.57
N LEU A 70 44.99 12.33 26.63
CA LEU A 70 44.62 12.99 27.87
C LEU A 70 43.10 13.07 28.01
N ILE A 71 42.60 12.77 29.21
CA ILE A 71 41.17 12.89 29.53
C ILE A 71 41.04 14.15 30.37
N PRO A 72 40.57 15.27 29.80
CA PRO A 72 40.67 16.54 30.54
C PRO A 72 39.78 16.60 31.77
N ALA A 73 38.58 16.04 31.73
CA ALA A 73 37.61 16.18 32.82
C ALA A 73 36.86 14.87 33.07
N PRO A 74 37.53 13.90 33.68
CA PRO A 74 36.84 12.66 34.08
C PRO A 74 35.70 12.97 35.03
N ILE A 75 34.67 12.14 34.98
CA ILE A 75 33.41 12.38 35.67
C ILE A 75 33.17 11.27 36.68
N GLN A 76 32.99 11.63 37.95
CA GLN A 76 32.58 10.65 38.96
C GLN A 76 31.06 10.70 39.07
N GLN A 77 30.41 9.57 38.78
CA GLN A 77 28.95 9.51 38.71
C GLN A 77 28.38 9.11 40.07
N MET A 78 27.61 10.01 40.66
CA MET A 78 26.93 9.78 41.94
C MET A 78 25.48 9.39 41.68
N VAL A 79 25.09 8.21 42.12
CA VAL A 79 23.74 7.70 41.93
C VAL A 79 23.02 7.70 43.26
N THR A 80 21.77 8.18 43.24
CA THR A 80 20.91 8.25 44.42
C THR A 80 19.55 7.64 44.07
N GLY A 81 19.04 6.80 44.95
CA GLY A 81 17.73 6.19 44.77
C GLY A 81 17.73 4.76 45.27
N GLN A 82 16.69 4.02 44.90
CA GLN A 82 16.56 2.64 45.33
C GLN A 82 15.59 1.90 44.41
N SER A 83 15.78 0.59 44.33
CA SER A 83 14.81 -0.31 43.71
C SER A 83 14.42 0.14 42.30
N GLY A 84 15.45 0.30 41.48
CA GLY A 84 15.23 0.53 40.07
C GLY A 84 14.98 1.97 39.68
N LEU A 85 14.84 2.89 40.63
CA LEU A 85 14.61 4.30 40.33
C LEU A 85 15.76 5.12 40.92
N PHE A 86 16.55 5.76 40.07
CA PHE A 86 17.71 6.50 40.53
C PHE A 86 17.87 7.81 39.78
N THR A 87 18.47 8.78 40.46
CA THR A 87 18.96 10.00 39.84
C THR A 87 20.48 10.06 39.99
N GLN A 88 21.15 10.58 38.96
CA GLN A 88 22.59 10.66 38.89
C GLN A 88 23.00 12.14 38.90
N TYR A 89 24.17 12.45 39.48
CA TYR A 89 24.79 13.75 39.28
C TYR A 89 26.31 13.52 39.18
N ASN A 90 27.03 14.52 38.66
CA ASN A 90 28.43 14.33 38.30
C ASN A 90 29.32 15.19 39.15
N ILE A 91 30.49 14.66 39.48
CA ILE A 91 31.55 15.41 40.16
C ILE A 91 32.79 15.36 39.29
N GLN A 92 33.27 16.52 38.85
CA GLN A 92 34.42 16.53 37.94
C GLN A 92 35.71 16.24 38.69
N LYS A 93 36.52 15.32 38.16
CA LYS A 93 37.81 14.97 38.74
C LYS A 93 38.95 15.56 37.91
N LYS A 94 40.18 15.45 38.45
CA LYS A 94 41.33 16.03 37.80
C LYS A 94 41.69 15.25 36.53
N ALA A 95 42.33 15.95 35.60
CA ALA A 95 42.71 15.36 34.32
C ALA A 95 43.59 14.13 34.51
N MET A 96 43.47 13.21 33.55
CA MET A 96 44.06 11.88 33.61
C MET A 96 44.47 11.48 32.20
N THR A 97 45.54 10.71 32.09
CA THR A 97 45.77 10.06 30.81
C THR A 97 44.99 8.77 30.74
N VAL A 98 44.78 8.28 29.52
CA VAL A 98 44.14 6.99 29.31
C VAL A 98 44.83 5.91 30.12
N LYS A 99 46.17 5.90 30.12
CA LYS A 99 46.90 4.86 30.84
C LYS A 99 46.57 4.87 32.34
N GLU A 100 46.55 6.05 32.96
CA GLU A 100 46.18 6.09 34.38
C GLU A 100 44.72 5.76 34.58
N PHE A 101 43.87 6.11 33.62
CA PHE A 101 42.47 5.74 33.77
C PHE A 101 42.31 4.24 33.70
N ARG A 102 43.06 3.59 32.80
CA ARG A 102 42.97 2.15 32.65
C ARG A 102 43.42 1.42 33.91
N GLN A 103 44.54 1.88 34.50
CA GLN A 103 45.02 1.31 35.76
C GLN A 103 44.01 1.52 36.89
N LEU A 104 43.38 2.68 36.96
CA LEU A 104 42.31 2.88 37.94
C LEU A 104 41.17 1.89 37.70
N ALA A 105 40.70 1.80 36.44
CA ALA A 105 39.57 0.92 36.15
C ALA A 105 39.88 -0.52 36.53
N ASN A 106 41.13 -0.93 36.40
CA ASN A 106 41.45 -2.32 36.66
C ASN A 106 41.88 -2.57 38.10
N SER A 107 41.93 -1.53 38.95
CA SER A 107 42.20 -1.75 40.37
C SER A 107 41.04 -2.48 41.05
N GLY A 108 41.32 -3.02 42.25
CA GLY A 108 40.30 -3.79 42.94
C GLY A 108 39.06 -3.00 43.30
N LYS A 109 39.23 -1.69 43.52
CA LYS A 109 38.08 -0.87 43.90
C LYS A 109 37.11 -0.70 42.75
N TYR A 110 37.60 -0.68 41.50
CA TYR A 110 36.78 -0.33 40.35
C TYR A 110 36.59 -1.45 39.33
N CYS A 111 37.29 -2.59 39.47
CA CYS A 111 37.28 -3.60 38.43
C CYS A 111 35.92 -4.30 38.33
N THR A 112 35.70 -4.89 37.16
CA THR A 112 34.55 -5.74 36.94
C THR A 112 34.51 -6.84 38.00
N PRO A 113 33.37 -7.09 38.61
CA PRO A 113 33.23 -8.24 39.50
C PRO A 113 33.26 -9.54 38.72
N ARG A 114 33.52 -10.63 39.43
CA ARG A 114 33.35 -11.93 38.81
C ARG A 114 31.88 -12.17 38.45
N TYR A 115 31.65 -12.88 37.36
CA TYR A 115 30.27 -13.08 36.92
C TYR A 115 30.19 -14.36 36.10
N LEU A 116 28.96 -14.87 35.96
CA LEU A 116 28.73 -16.08 35.17
C LEU A 116 28.52 -15.75 33.69
N ASP A 117 27.48 -14.96 33.40
CA ASP A 117 27.13 -14.54 32.06
C ASP A 117 26.63 -13.09 32.11
N TYR A 118 26.32 -12.53 30.93
CA TYR A 118 25.90 -11.13 30.86
C TYR A 118 24.68 -10.87 31.73
N GLU A 119 23.76 -11.82 31.80
CA GLU A 119 22.58 -11.67 32.64
C GLU A 119 22.96 -11.55 34.11
N ASP A 120 23.89 -12.39 34.57
CA ASP A 120 24.39 -12.29 35.93
C ASP A 120 25.04 -10.93 36.17
N LEU A 121 25.82 -10.46 35.20
CA LEU A 121 26.49 -9.17 35.37
C LEU A 121 25.49 -8.03 35.39
N GLU A 122 24.45 -8.10 34.55
CA GLU A 122 23.40 -7.10 34.56
C GLU A 122 22.75 -7.00 35.94
N ARG A 123 22.50 -8.15 36.58
CA ARG A 123 21.96 -8.15 37.94
C ARG A 123 22.89 -7.43 38.91
N LYS A 124 24.19 -7.70 38.83
CA LYS A 124 25.14 -7.09 39.76
C LYS A 124 25.21 -5.59 39.55
N TYR A 125 25.11 -5.14 38.30
CA TYR A 125 25.05 -3.71 38.02
C TYR A 125 23.93 -3.04 38.80
N TRP A 126 22.69 -3.52 38.64
CA TRP A 126 21.55 -2.90 39.29
C TRP A 126 21.56 -3.07 40.80
N LYS A 127 22.27 -4.05 41.34
CA LYS A 127 22.37 -4.26 42.79
C LYS A 127 23.44 -3.40 43.43
N ASN A 128 24.45 -2.98 42.67
CA ASN A 128 25.62 -2.32 43.23
C ASN A 128 25.73 -0.86 42.82
N LEU A 129 24.70 -0.28 42.19
CA LEU A 129 24.76 1.10 41.70
C LEU A 129 25.15 2.10 42.79
N THR A 130 24.65 1.91 44.02
CA THR A 130 24.78 2.93 45.07
C THR A 130 25.94 2.69 46.02
N PHE A 131 26.94 1.92 45.61
CA PHE A 131 28.16 1.76 46.40
C PHE A 131 29.26 2.60 45.76
N VAL A 132 30.45 2.05 45.47
CA VAL A 132 31.54 2.85 44.94
C VAL A 132 31.10 3.57 43.68
N ALA A 133 31.39 4.85 43.60
CA ALA A 133 30.97 5.66 42.46
C ALA A 133 31.95 5.47 41.32
N PRO A 134 31.52 5.02 40.16
CA PRO A 134 32.47 4.81 39.05
C PRO A 134 32.83 6.14 38.41
N ILE A 135 33.97 6.16 37.73
CA ILE A 135 34.45 7.35 37.04
C ILE A 135 34.44 7.13 35.53
N TYR A 136 33.84 8.07 34.80
CA TYR A 136 33.61 7.94 33.36
C TYR A 136 34.45 8.99 32.62
N GLY A 137 35.29 8.54 31.70
CA GLY A 137 35.95 9.52 30.85
C GLY A 137 35.09 9.83 29.64
N ALA A 138 34.02 10.59 29.82
CA ALA A 138 32.95 10.76 28.83
C ALA A 138 33.05 12.08 28.10
N ASP A 139 32.44 12.14 26.91
CA ASP A 139 32.22 13.40 26.20
C ASP A 139 33.54 14.12 25.87
N ILE A 140 34.51 13.34 25.38
CA ILE A 140 35.81 13.87 24.98
C ILE A 140 35.81 14.19 23.49
N ASN A 141 36.17 15.42 23.14
CA ASN A 141 36.25 15.81 21.74
C ASN A 141 37.35 15.04 21.04
N GLY A 142 37.01 14.37 19.94
CA GLY A 142 38.05 13.75 19.14
C GLY A 142 37.66 12.41 18.53
N SER A 143 38.52 11.96 17.61
CA SER A 143 38.41 10.68 16.91
C SER A 143 39.74 9.96 17.02
N ILE A 144 39.70 8.62 16.95
CA ILE A 144 40.93 7.85 16.95
C ILE A 144 40.97 6.88 15.76
N TYR A 145 40.09 7.09 14.78
CA TYR A 145 40.29 6.43 13.50
C TYR A 145 41.65 6.81 12.93
N ASP A 146 42.26 5.89 12.19
CA ASP A 146 43.43 6.27 11.43
C ASP A 146 43.04 7.24 10.31
N GLU A 147 43.99 8.09 9.92
CA GLU A 147 43.76 8.95 8.76
C GLU A 147 43.62 8.08 7.52
N GLY A 148 42.62 8.36 6.70
CA GLY A 148 42.47 7.63 5.46
C GLY A 148 41.48 6.50 5.50
N VAL A 149 40.84 6.25 6.63
CA VAL A 149 39.77 5.26 6.69
C VAL A 149 38.54 5.92 6.10
N ASP A 150 38.05 5.40 4.97
CA ASP A 150 36.93 6.02 4.29
C ASP A 150 35.58 5.36 4.58
N GLU A 151 35.57 4.13 5.07
CA GLU A 151 34.31 3.46 5.35
C GLU A 151 33.85 3.76 6.78
N TRP A 152 32.61 4.21 6.94
CA TRP A 152 31.99 4.39 8.25
C TRP A 152 32.89 5.21 9.17
N ASN A 153 33.45 6.29 8.62
CA ASN A 153 34.31 7.17 9.41
C ASN A 153 33.40 8.10 10.21
N ILE A 154 33.29 7.83 11.52
CA ILE A 154 32.40 8.56 12.42
C ILE A 154 32.64 10.06 12.37
N ALA A 155 33.87 10.46 12.03
CA ALA A 155 34.20 11.88 11.98
C ALA A 155 33.74 12.55 10.71
N ARG A 156 33.34 11.79 9.69
CA ARG A 156 32.91 12.43 8.45
C ARG A 156 31.93 11.51 7.72
N LEU A 157 30.68 11.45 8.20
CA LEU A 157 29.71 10.52 7.63
C LEU A 157 29.03 11.02 6.37
N ASN A 158 29.07 12.32 6.09
CA ASN A 158 28.46 12.90 4.90
C ASN A 158 26.94 12.67 4.86
N THR A 159 26.26 13.10 5.91
CA THR A 159 24.80 13.01 5.93
C THR A 159 24.21 14.40 5.72
N VAL A 160 22.88 14.45 5.75
CA VAL A 160 22.12 15.70 5.64
C VAL A 160 22.67 16.79 6.55
N LEU A 161 23.18 16.43 7.73
CA LEU A 161 23.78 17.44 8.62
C LEU A 161 24.96 18.12 7.95
N ASP A 162 25.82 17.34 7.30
CA ASP A 162 27.02 17.89 6.68
C ASP A 162 26.67 18.73 5.45
N VAL A 163 25.73 18.26 4.64
CA VAL A 163 25.31 19.03 3.47
C VAL A 163 24.85 20.42 3.89
N VAL A 164 24.08 20.50 4.97
CA VAL A 164 23.55 21.80 5.36
C VAL A 164 24.67 22.69 5.87
N GLU A 165 25.61 22.12 6.62
CA GLU A 165 26.73 22.91 7.15
C GLU A 165 27.63 23.43 6.04
N GLU A 166 28.05 22.55 5.11
CA GLU A 166 29.05 22.92 4.12
C GLU A 166 28.46 23.70 2.96
N GLU A 167 27.25 23.36 2.53
CA GLU A 167 26.69 24.00 1.34
C GLU A 167 25.87 25.24 1.66
N CYS A 168 25.23 25.29 2.82
CA CYS A 168 24.38 26.41 3.15
C CYS A 168 24.97 27.30 4.23
N GLY A 169 26.12 26.93 4.80
CA GLY A 169 26.76 27.70 5.85
C GLY A 169 25.89 27.87 7.07
N ILE A 170 25.42 26.78 7.64
CA ILE A 170 24.52 26.83 8.78
C ILE A 170 25.13 26.05 9.92
N SER A 171 25.21 26.69 11.10
CA SER A 171 25.83 26.08 12.27
C SER A 171 25.06 24.85 12.72
N ILE A 172 25.76 23.72 12.78
CA ILE A 172 25.20 22.46 13.27
C ILE A 172 25.35 22.36 14.79
N GLU A 173 26.02 23.33 15.43
CA GLU A 173 26.21 23.35 16.87
C GLU A 173 27.12 22.21 17.34
N GLY A 174 27.99 21.72 16.47
CA GLY A 174 28.93 20.68 16.83
C GLY A 174 28.34 19.33 17.13
N VAL A 175 27.11 19.04 16.69
CA VAL A 175 26.54 17.74 16.98
C VAL A 175 27.02 16.67 16.02
N ASN A 176 27.60 17.05 14.88
CA ASN A 176 28.17 16.07 13.97
C ASN A 176 29.67 15.93 14.13
N THR A 177 30.23 16.32 15.29
CA THR A 177 31.63 16.07 15.57
C THR A 177 31.77 14.85 16.49
N PRO A 178 32.89 14.15 16.45
CA PRO A 178 32.99 12.89 17.19
C PRO A 178 33.40 13.08 18.64
N TYR A 179 32.93 12.17 19.48
CA TYR A 179 33.25 12.15 20.89
C TYR A 179 33.77 10.77 21.29
N LEU A 180 34.63 10.77 22.29
CA LEU A 180 35.22 9.54 22.83
C LEU A 180 34.70 9.29 24.24
N TYR A 181 34.53 8.01 24.58
CA TYR A 181 34.03 7.60 25.88
C TYR A 181 34.91 6.47 26.42
N PHE A 182 35.67 6.75 27.46
CA PHE A 182 36.45 5.73 28.13
C PHE A 182 35.69 5.28 29.37
N GLY A 183 35.13 4.06 29.31
CA GLY A 183 34.34 3.54 30.40
C GLY A 183 35.12 2.72 31.40
N MET A 184 34.52 2.55 32.58
CA MET A 184 34.90 1.49 33.50
C MET A 184 33.62 0.80 33.94
N TRP A 185 33.79 -0.29 34.67
CA TRP A 185 32.65 -1.06 35.19
C TRP A 185 31.66 -0.13 35.87
N LYS A 186 30.38 -0.30 35.54
CA LYS A 186 29.27 0.37 36.22
C LYS A 186 29.08 1.82 35.76
N THR A 187 30.00 2.39 34.97
CA THR A 187 29.69 3.70 34.40
C THR A 187 28.46 3.56 33.52
N THR A 188 27.66 4.64 33.49
CA THR A 188 26.28 4.62 33.08
C THR A 188 26.00 5.72 32.07
N PHE A 189 25.15 5.42 31.09
CA PHE A 189 24.41 6.45 30.38
C PHE A 189 22.93 6.25 30.67
N ALA A 190 22.29 7.31 31.17
CA ALA A 190 20.90 7.32 31.58
C ALA A 190 19.94 7.34 30.38
N TRP A 191 18.64 7.24 30.67
CA TRP A 191 17.60 7.20 29.64
C TRP A 191 17.50 8.52 28.90
N HIS A 192 17.57 8.47 27.57
CA HIS A 192 17.52 9.70 26.78
C HIS A 192 17.29 9.35 25.32
N THR A 193 16.75 10.30 24.57
CA THR A 193 16.93 10.33 23.13
C THR A 193 18.02 11.34 22.82
N GLU A 194 18.44 11.38 21.56
CA GLU A 194 19.50 12.31 21.18
C GLU A 194 18.97 13.73 21.10
N ASP A 195 19.87 14.71 21.20
CA ASP A 195 19.48 16.10 20.95
C ASP A 195 18.71 16.20 19.65
N MET A 196 17.69 17.07 19.66
CA MET A 196 16.80 17.25 18.52
C MET A 196 16.21 15.94 18.01
N ASP A 197 16.31 14.87 18.81
CA ASP A 197 15.84 13.51 18.45
C ASP A 197 16.57 12.97 17.21
N LEU A 198 17.86 13.28 17.10
CA LEU A 198 18.75 12.86 16.01
C LEU A 198 19.09 11.38 16.10
N TYR A 199 19.64 10.85 15.01
CA TYR A 199 20.30 9.56 15.07
C TYR A 199 21.61 9.68 15.84
N SER A 200 22.13 8.53 16.26
CA SER A 200 23.51 8.47 16.70
C SER A 200 24.11 7.17 16.18
N ILE A 201 25.43 7.18 16.05
CA ILE A 201 26.21 5.98 15.77
C ILE A 201 27.28 5.86 16.85
N ASN A 202 27.57 4.63 17.27
CA ASN A 202 28.51 4.36 18.37
C ASN A 202 29.34 3.16 17.99
N TYR A 203 30.68 3.33 17.99
CA TYR A 203 31.61 2.25 17.69
C TYR A 203 32.44 1.95 18.92
N LEU A 204 32.50 0.67 19.29
CA LEU A 204 33.33 0.24 20.41
C LEU A 204 34.71 -0.12 19.87
N HIS A 205 35.69 0.76 20.08
CA HIS A 205 37.02 0.52 19.57
C HIS A 205 37.67 -0.70 20.23
N PHE A 206 37.69 -0.74 21.56
CA PHE A 206 38.35 -1.83 22.26
C PHE A 206 37.85 -1.90 23.70
N GLY A 207 38.24 -2.97 24.39
CA GLY A 207 37.94 -3.18 25.79
C GLY A 207 36.69 -4.01 26.03
N GLU A 208 36.15 -3.88 27.24
CA GLU A 208 35.02 -4.71 27.68
C GLU A 208 33.72 -4.23 27.08
N PRO A 209 32.68 -5.07 27.07
CA PRO A 209 31.45 -4.71 26.34
C PRO A 209 30.67 -3.56 26.96
N LYS A 210 29.68 -3.11 26.19
CA LYS A 210 28.73 -2.08 26.61
C LYS A 210 27.32 -2.62 26.40
N SER A 211 26.51 -2.65 27.45
CA SER A 211 25.15 -3.17 27.38
C SER A 211 24.15 -2.04 27.17
N TRP A 212 23.14 -2.27 26.32
CA TRP A 212 22.18 -1.26 25.91
C TRP A 212 20.76 -1.70 26.23
N TYR A 213 19.91 -0.75 26.62
CA TYR A 213 18.45 -0.91 26.69
C TYR A 213 17.85 0.07 25.70
N ALA A 214 16.78 -0.34 25.04
CA ALA A 214 16.14 0.46 23.99
C ALA A 214 14.63 0.33 24.05
N ILE A 215 13.96 1.45 23.83
CA ILE A 215 12.52 1.51 23.79
C ILE A 215 12.11 1.92 22.38
N PRO A 216 11.22 1.17 21.71
CA PRO A 216 10.74 1.56 20.37
C PRO A 216 10.26 3.00 20.35
N PRO A 217 10.59 3.76 19.30
CA PRO A 217 10.02 5.11 19.18
C PRO A 217 8.51 5.14 19.34
N GLU A 218 7.78 4.14 18.83
CA GLU A 218 6.33 4.13 18.98
C GLU A 218 5.87 3.90 20.42
N HIS A 219 6.77 3.69 21.38
CA HIS A 219 6.37 3.60 22.77
C HIS A 219 7.10 4.59 23.65
N GLY A 220 7.86 5.51 23.05
CA GLY A 220 8.62 6.47 23.84
C GLY A 220 7.75 7.32 24.75
N LYS A 221 6.58 7.74 24.27
CA LYS A 221 5.68 8.52 25.12
C LYS A 221 5.27 7.75 26.38
N ARG A 222 5.25 6.42 26.31
CA ARG A 222 4.89 5.69 27.53
C ARG A 222 6.02 5.71 28.53
N LEU A 223 7.27 5.68 28.06
CA LEU A 223 8.39 5.87 28.97
C LEU A 223 8.33 7.23 29.62
N GLU A 224 8.03 8.27 28.82
CA GLU A 224 7.95 9.61 29.39
C GLU A 224 6.87 9.70 30.45
N ARG A 225 5.70 9.13 30.20
CA ARG A 225 4.63 9.18 31.20
C ARG A 225 5.04 8.44 32.46
N LEU A 226 5.73 7.31 32.31
CA LEU A 226 6.17 6.57 33.48
C LEU A 226 7.15 7.40 34.29
N ALA A 227 8.15 7.98 33.61
CA ALA A 227 9.16 8.76 34.29
C ALA A 227 8.57 10.02 34.94
N GLN A 228 7.59 10.65 34.29
CA GLN A 228 6.96 11.83 34.90
C GLN A 228 6.29 11.49 36.22
N GLY A 229 5.67 10.30 36.30
CA GLY A 229 5.00 9.89 37.52
C GLY A 229 5.94 9.53 38.66
N PHE A 230 7.12 8.99 38.34
CA PHE A 230 8.12 8.60 39.34
C PHE A 230 9.08 9.71 39.71
N PHE A 231 9.29 10.70 38.84
CA PHE A 231 10.18 11.83 39.09
C PHE A 231 9.43 13.13 38.90
N PRO A 232 8.37 13.36 39.68
CA PRO A 232 7.51 14.52 39.37
C PRO A 232 8.16 15.84 39.68
N SER A 233 9.15 15.86 40.57
CA SER A 233 9.88 17.10 40.81
C SER A 233 10.76 17.46 39.63
N SER A 234 11.60 16.52 39.19
CA SER A 234 12.31 16.67 37.92
C SER A 234 11.35 17.10 36.82
N SER A 235 10.14 16.54 36.81
CA SER A 235 9.22 16.78 35.70
C SER A 235 8.68 18.21 35.73
N GLN A 236 8.25 18.69 36.90
CA GLN A 236 7.74 20.05 36.98
C GLN A 236 8.82 21.09 36.71
N GLY A 237 10.10 20.72 36.86
CA GLY A 237 11.18 21.67 36.58
C GLY A 237 11.54 21.80 35.12
N CYS A 238 11.21 20.81 34.29
CA CYS A 238 11.59 20.82 32.88
C CYS A 238 10.72 19.85 32.09
N ASP A 239 10.13 20.36 31.01
CA ASP A 239 9.27 19.53 30.15
C ASP A 239 10.03 18.36 29.55
N ALA A 240 11.31 18.53 29.27
CA ALA A 240 12.07 17.44 28.68
C ALA A 240 13.22 17.03 29.58
N PHE A 241 12.93 16.77 30.87
CA PHE A 241 13.99 16.55 31.85
C PHE A 241 14.83 15.30 31.54
N LEU A 242 14.29 14.32 30.83
CA LEU A 242 15.10 13.18 30.46
C LEU A 242 16.31 13.59 29.63
N ARG A 243 16.27 14.74 28.96
CA ARG A 243 17.44 15.19 28.20
C ARG A 243 18.60 15.59 29.09
N HIS A 244 18.35 15.85 30.37
CA HIS A 244 19.46 16.05 31.29
C HIS A 244 20.32 14.80 31.46
N LYS A 245 19.84 13.63 31.03
CA LYS A 245 20.60 12.38 31.11
C LYS A 245 20.99 12.05 32.56
N MET A 246 20.05 12.24 33.48
CA MET A 246 20.30 11.95 34.88
C MET A 246 19.30 10.96 35.47
N THR A 247 18.42 10.36 34.66
CA THR A 247 17.34 9.53 35.16
C THR A 247 17.58 8.07 34.81
N LEU A 248 17.65 7.22 35.83
CA LEU A 248 17.87 5.78 35.66
C LEU A 248 16.61 5.02 36.04
N ILE A 249 16.19 4.09 35.18
CA ILE A 249 15.04 3.24 35.42
C ILE A 249 15.42 1.82 35.00
N SER A 250 15.33 0.88 35.93
CA SER A 250 15.78 -0.48 35.70
C SER A 250 14.80 -1.25 34.81
N PRO A 251 15.27 -2.30 34.13
CA PRO A 251 14.36 -3.16 33.37
C PRO A 251 13.28 -3.80 34.23
N SER A 252 13.55 -4.06 35.51
CA SER A 252 12.50 -4.61 36.37
C SER A 252 11.32 -3.66 36.46
N VAL A 253 11.58 -2.37 36.61
CA VAL A 253 10.51 -1.39 36.70
C VAL A 253 9.75 -1.31 35.39
N LEU A 254 10.47 -1.36 34.25
CA LEU A 254 9.79 -1.27 32.96
C LEU A 254 8.89 -2.47 32.71
N LYS A 255 9.35 -3.67 33.06
CA LYS A 255 8.49 -4.85 32.94
C LYS A 255 7.26 -4.73 33.83
N LYS A 256 7.44 -4.23 35.06
CA LYS A 256 6.32 -4.12 35.97
C LYS A 256 5.21 -3.23 35.42
N TYR A 257 5.59 -2.14 34.76
CA TYR A 257 4.61 -1.20 34.22
C TYR A 257 4.33 -1.40 32.73
N GLY A 258 4.71 -2.56 32.17
CA GLY A 258 4.35 -2.87 30.79
C GLY A 258 4.96 -1.97 29.74
N ILE A 259 6.15 -1.42 29.98
CA ILE A 259 6.81 -0.65 28.94
C ILE A 259 7.57 -1.62 28.06
N PRO A 260 7.28 -1.69 26.78
CA PRO A 260 8.04 -2.59 25.92
C PRO A 260 9.45 -2.06 25.70
N PHE A 261 10.42 -2.97 25.73
CA PHE A 261 11.83 -2.60 25.61
C PHE A 261 12.58 -3.85 25.19
N ASP A 262 13.83 -3.65 24.80
CA ASP A 262 14.71 -4.75 24.47
C ASP A 262 16.09 -4.43 25.02
N LYS A 263 16.94 -5.45 25.08
CA LYS A 263 18.32 -5.28 25.53
C LYS A 263 19.25 -6.04 24.60
N ILE A 264 20.51 -5.64 24.65
CA ILE A 264 21.55 -6.19 23.78
C ILE A 264 22.87 -5.66 24.27
N THR A 265 23.93 -6.45 24.10
CA THR A 265 25.26 -6.09 24.55
C THR A 265 26.14 -5.86 23.33
N GLN A 266 26.81 -4.72 23.30
CA GLN A 266 27.73 -4.37 22.23
C GLN A 266 29.13 -4.83 22.60
N GLU A 267 29.76 -5.62 21.73
CA GLU A 267 31.12 -6.08 21.97
C GLU A 267 32.12 -5.24 21.19
N ALA A 268 33.40 -5.38 21.51
CA ALA A 268 34.43 -4.62 20.79
C ALA A 268 34.36 -4.89 19.29
N GLY A 269 34.57 -3.83 18.50
CA GLY A 269 34.50 -3.96 17.06
C GLY A 269 33.13 -3.84 16.44
N GLU A 270 32.10 -3.50 17.21
CA GLU A 270 30.73 -3.42 16.71
C GLU A 270 30.19 -2.00 16.79
N PHE A 271 29.31 -1.66 15.83
CA PHE A 271 28.58 -0.40 15.84
C PHE A 271 27.19 -0.61 16.45
N MET A 272 26.72 0.38 17.21
CA MET A 272 25.31 0.51 17.53
C MET A 272 24.77 1.78 16.88
N ILE A 273 23.59 1.70 16.27
CA ILE A 273 22.93 2.86 15.71
C ILE A 273 21.63 3.09 16.48
N THR A 274 21.42 4.33 16.95
CA THR A 274 20.15 4.71 17.57
C THR A 274 19.36 5.57 16.60
N PHE A 275 18.06 5.41 16.61
CA PHE A 275 17.22 6.03 15.61
C PHE A 275 16.45 7.18 16.22
N PRO A 276 15.91 8.09 15.41
CA PRO A 276 15.14 9.23 15.94
C PRO A 276 14.10 8.81 16.97
N TYR A 277 14.11 9.48 18.12
CA TYR A 277 13.14 9.24 19.21
C TYR A 277 13.26 7.82 19.78
N GLY A 278 14.41 7.18 19.61
CA GLY A 278 14.64 5.90 20.24
C GLY A 278 15.30 6.09 21.60
N TYR A 279 14.54 6.00 22.68
CA TYR A 279 15.11 6.09 24.02
C TYR A 279 16.09 4.94 24.26
N HIS A 280 17.22 5.27 24.89
CA HIS A 280 18.17 4.21 25.21
C HIS A 280 18.93 4.58 26.47
N ALA A 281 19.51 3.55 27.07
CA ALA A 281 20.31 3.65 28.29
C ALA A 281 21.18 2.41 28.34
N GLY A 282 22.18 2.44 29.23
CA GLY A 282 22.99 1.25 29.44
C GLY A 282 24.16 1.50 30.37
N PHE A 283 25.15 0.61 30.29
CA PHE A 283 26.31 0.65 31.19
C PHE A 283 27.48 -0.11 30.58
N ASN A 284 28.67 0.21 31.06
CA ASN A 284 29.89 -0.43 30.59
C ASN A 284 30.27 -1.58 31.51
N HIS A 285 30.82 -2.63 30.92
CA HIS A 285 31.20 -3.83 31.66
C HIS A 285 32.56 -3.67 32.35
N GLY A 286 33.38 -2.74 31.89
CA GLY A 286 34.77 -2.68 32.29
C GLY A 286 35.47 -1.62 31.46
N PHE A 287 36.78 -1.55 31.60
CA PHE A 287 37.54 -0.59 30.81
C PHE A 287 37.30 -0.80 29.33
N ASN A 288 36.92 0.26 28.64
CA ASN A 288 36.68 0.19 27.21
C ASN A 288 36.81 1.61 26.65
N CYS A 289 36.66 1.71 25.33
CA CYS A 289 36.79 2.98 24.61
C CYS A 289 35.84 2.98 23.44
N ALA A 290 34.93 3.95 23.40
CA ALA A 290 33.94 4.04 22.35
C ALA A 290 33.97 5.41 21.70
N GLU A 291 33.52 5.49 20.45
CA GLU A 291 33.48 6.74 19.71
C GLU A 291 32.09 6.93 19.13
N SER A 292 31.53 8.13 19.20
CA SER A 292 30.17 8.27 18.68
C SER A 292 29.92 9.68 18.14
N THR A 293 28.91 9.81 17.29
CA THR A 293 28.48 11.12 16.78
C THR A 293 26.98 11.04 16.50
N ASN A 294 26.37 12.22 16.34
CA ASN A 294 25.00 12.28 15.85
C ASN A 294 24.98 12.53 14.35
N PHE A 295 23.89 12.09 13.70
CA PHE A 295 23.72 12.36 12.28
C PHE A 295 22.23 12.38 11.95
N ALA A 296 21.91 12.74 10.71
CA ALA A 296 20.52 12.89 10.29
C ALA A 296 20.30 12.36 8.88
N THR A 297 19.06 11.93 8.61
CA THR A 297 18.56 11.64 7.27
C THR A 297 17.35 12.51 7.02
N VAL A 298 16.82 12.46 5.79
CA VAL A 298 15.61 13.21 5.50
C VAL A 298 14.47 12.77 6.40
N ARG A 299 14.41 11.48 6.73
CA ARG A 299 13.35 10.95 7.59
C ARG A 299 13.32 11.64 8.95
N TRP A 300 14.49 12.02 9.47
CA TRP A 300 14.57 12.65 10.77
C TRP A 300 13.88 14.00 10.82
N ILE A 301 13.68 14.66 9.68
CA ILE A 301 13.27 16.07 9.70
C ILE A 301 11.93 16.24 10.41
N ASP A 302 10.98 15.34 10.16
CA ASP A 302 9.72 15.48 10.87
C ASP A 302 9.87 15.24 12.38
N TYR A 303 10.89 14.49 12.82
CA TYR A 303 11.12 14.36 14.26
C TYR A 303 11.68 15.66 14.82
N GLY A 304 12.64 16.25 14.12
CA GLY A 304 13.25 17.45 14.64
C GLY A 304 12.26 18.59 14.73
N LYS A 305 11.28 18.62 13.82
CA LYS A 305 10.28 19.68 13.83
C LYS A 305 9.37 19.63 15.04
N VAL A 306 9.23 18.48 15.70
CA VAL A 306 8.37 18.39 16.87
C VAL A 306 9.12 17.94 18.12
N ALA A 307 10.45 17.90 18.07
CA ALA A 307 11.21 17.40 19.21
C ALA A 307 10.95 18.30 20.41
N LYS A 308 10.74 17.68 21.57
CA LYS A 308 10.46 18.44 22.78
C LYS A 308 11.79 18.82 23.43
N LEU A 309 12.03 20.12 23.60
CA LEU A 309 13.35 20.63 23.97
C LEU A 309 13.44 20.98 25.46
N CYS A 310 14.67 20.99 25.97
CA CYS A 310 14.91 21.34 27.37
C CYS A 310 14.62 22.82 27.61
N THR A 311 13.76 23.10 28.60
CA THR A 311 13.26 24.44 28.85
C THR A 311 13.77 25.02 30.17
N CYS A 312 14.79 24.42 30.76
CA CYS A 312 15.30 24.91 32.03
C CYS A 312 16.76 25.31 31.99
N ARG A 313 17.50 24.94 30.95
CA ARG A 313 18.90 25.30 30.83
C ARG A 313 19.07 26.21 29.62
N LYS A 314 19.96 27.20 29.76
CA LYS A 314 20.13 28.25 28.77
C LYS A 314 20.53 27.71 27.40
N ASP A 315 21.72 27.15 27.30
CA ASP A 315 22.26 26.74 26.00
C ASP A 315 22.34 25.22 25.94
N MET A 316 21.18 24.58 25.90
CA MET A 316 21.09 23.23 25.37
C MET A 316 21.24 23.28 23.85
N VAL A 317 21.37 22.11 23.24
CA VAL A 317 21.57 22.02 21.80
C VAL A 317 20.22 22.20 21.11
N LYS A 318 20.06 23.34 20.41
CA LYS A 318 18.85 23.64 19.67
C LYS A 318 19.23 24.03 18.25
N ILE A 319 18.81 23.23 17.28
CA ILE A 319 19.13 23.47 15.87
C ILE A 319 17.88 24.02 15.19
N SER A 320 18.03 25.10 14.44
CA SER A 320 16.88 25.62 13.70
C SER A 320 16.54 24.68 12.55
N MET A 321 15.25 24.33 12.42
CA MET A 321 14.78 23.39 11.42
C MET A 321 14.49 24.05 10.07
N ASP A 322 14.54 25.38 10.02
CA ASP A 322 14.04 26.09 8.84
C ASP A 322 14.72 25.62 7.56
N ILE A 323 16.06 25.53 7.57
CA ILE A 323 16.82 25.14 6.38
C ILE A 323 16.40 23.76 5.87
N PHE A 324 16.13 22.83 6.80
CA PHE A 324 15.83 21.46 6.41
C PHE A 324 14.45 21.37 5.78
N VAL A 325 13.48 22.07 6.36
CA VAL A 325 12.14 22.11 5.78
C VAL A 325 12.18 22.80 4.41
N ARG A 326 12.91 23.90 4.31
CA ARG A 326 12.94 24.66 3.06
C ARG A 326 13.60 23.86 1.95
N LYS A 327 14.72 23.20 2.23
CA LYS A 327 15.44 22.49 1.17
C LYS A 327 14.84 21.12 0.88
N PHE A 328 14.40 20.37 1.90
CA PHE A 328 13.97 18.99 1.67
C PHE A 328 12.47 18.76 1.76
N GLN A 329 11.70 19.71 2.28
CA GLN A 329 10.25 19.62 2.33
C GLN A 329 9.63 20.86 1.68
N PRO A 330 10.02 21.17 0.45
CA PRO A 330 9.54 22.43 -0.15
C PRO A 330 8.02 22.52 -0.22
N ASP A 331 7.31 21.38 -0.34
CA ASP A 331 5.86 21.38 -0.43
C ASP A 331 5.18 21.70 0.89
N ARG A 332 5.89 21.65 2.00
CA ARG A 332 5.30 21.91 3.30
C ARG A 332 5.89 23.14 3.98
N TYR A 333 6.85 23.80 3.35
CA TYR A 333 7.60 24.86 4.02
C TYR A 333 6.69 26.01 4.46
N GLN A 334 5.92 26.58 3.54
CA GLN A 334 5.09 27.73 3.89
C GLN A 334 3.98 27.33 4.85
N LEU A 335 3.38 26.16 4.64
CA LEU A 335 2.42 25.63 5.60
C LEU A 335 3.06 25.45 6.97
N TRP A 336 4.31 24.99 7.01
CA TRP A 336 4.98 24.79 8.29
C TRP A 336 5.23 26.12 9.00
N LYS A 337 5.80 27.09 8.30
CA LYS A 337 6.03 28.40 8.90
C LYS A 337 4.73 29.09 9.27
N GLN A 338 3.63 28.72 8.61
CA GLN A 338 2.30 29.22 8.95
C GLN A 338 1.77 28.60 10.24
N GLY A 339 2.45 27.58 10.78
CA GLY A 339 1.90 26.84 11.90
C GLY A 339 0.82 25.85 11.53
N LYS A 340 0.66 25.51 10.25
CA LYS A 340 -0.43 24.65 9.83
C LYS A 340 0.04 23.29 9.35
N ASP A 341 1.31 22.94 9.57
CA ASP A 341 1.85 21.64 9.16
C ASP A 341 1.62 20.66 10.30
N ILE A 342 0.39 20.15 10.36
CA ILE A 342 -0.09 19.30 11.44
C ILE A 342 0.00 17.85 10.98
N TYR A 343 0.52 17.00 11.87
CA TYR A 343 0.70 15.59 11.56
C TYR A 343 1.08 14.85 12.84
N THR A 344 0.96 13.54 12.79
CA THR A 344 1.54 12.68 13.80
C THR A 344 2.50 11.71 13.10
N ILE A 345 3.65 11.50 13.72
CA ILE A 345 4.71 10.72 13.09
C ILE A 345 4.32 9.25 13.06
N ASP A 346 4.49 8.62 11.89
CA ASP A 346 4.43 7.16 11.76
C ASP A 346 5.83 6.61 12.01
N HIS A 347 6.03 5.98 13.16
CA HIS A 347 7.35 5.47 13.50
C HIS A 347 7.70 4.17 12.79
N THR A 348 6.76 3.57 12.07
CA THR A 348 6.99 2.30 11.38
C THR A 348 7.40 2.47 9.93
N LYS A 349 7.07 3.60 9.29
CA LYS A 349 7.41 3.84 7.90
C LYS A 349 8.87 4.27 7.77
N LEU B 12 -37.45 -18.81 -37.17
CA LEU B 12 -38.21 -18.52 -35.96
C LEU B 12 -37.78 -19.44 -34.83
N ASN B 13 -37.50 -18.85 -33.67
CA ASN B 13 -37.08 -19.58 -32.47
C ASN B 13 -38.22 -19.50 -31.46
N PRO B 14 -39.21 -20.40 -31.51
CA PRO B 14 -40.40 -20.21 -30.67
C PRO B 14 -40.14 -20.37 -29.18
N SER B 15 -39.14 -21.16 -28.79
CA SER B 15 -38.83 -21.36 -27.37
C SER B 15 -38.07 -20.19 -26.76
N CYS B 16 -37.47 -19.32 -27.61
CA CYS B 16 -36.63 -18.20 -27.17
C CYS B 16 -35.45 -18.67 -26.32
N LYS B 17 -34.91 -19.85 -26.60
CA LYS B 17 -33.73 -20.35 -25.92
C LYS B 17 -32.47 -19.86 -26.62
N ILE B 18 -31.39 -19.71 -25.83
CA ILE B 18 -30.14 -19.18 -26.34
C ILE B 18 -29.53 -20.16 -27.32
N MET B 19 -29.26 -19.68 -28.53
CA MET B 19 -28.70 -20.50 -29.59
C MET B 19 -27.19 -20.33 -29.63
N THR B 20 -26.51 -21.39 -30.06
CA THR B 20 -25.06 -21.41 -30.21
C THR B 20 -24.76 -21.69 -31.69
N PHE B 21 -23.89 -20.86 -32.29
CA PHE B 21 -23.51 -21.00 -33.69
C PHE B 21 -22.06 -21.44 -33.80
N ARG B 22 -21.77 -22.28 -34.81
CA ARG B 22 -20.42 -22.77 -35.09
C ARG B 22 -20.14 -22.56 -36.57
N PRO B 23 -19.90 -21.32 -36.98
CA PRO B 23 -19.64 -21.06 -38.40
C PRO B 23 -18.32 -21.68 -38.84
N SER B 24 -18.31 -22.12 -40.09
CA SER B 24 -17.10 -22.41 -40.86
C SER B 24 -16.32 -21.12 -41.04
N MET B 25 -15.05 -21.20 -41.43
CA MET B 25 -14.30 -19.97 -41.57
C MET B 25 -14.87 -19.11 -42.69
N GLU B 26 -15.37 -19.75 -43.76
CA GLU B 26 -16.00 -19.02 -44.84
C GLU B 26 -17.25 -18.29 -44.37
N GLU B 27 -18.06 -18.96 -43.55
CA GLU B 27 -19.24 -18.32 -42.97
C GLU B 27 -18.84 -17.21 -41.98
N PHE B 28 -17.72 -17.36 -41.30
CA PHE B 28 -17.35 -16.47 -40.21
C PHE B 28 -16.75 -15.15 -40.68
N ARG B 29 -16.23 -15.08 -41.92
CA ARG B 29 -15.40 -13.95 -42.32
C ARG B 29 -16.11 -12.62 -42.14
N GLU B 30 -17.32 -12.51 -42.67
CA GLU B 30 -18.03 -11.24 -42.72
C GLU B 30 -19.00 -11.19 -41.55
N PHE B 31 -18.63 -10.45 -40.50
CA PHE B 31 -19.47 -10.36 -39.31
C PHE B 31 -20.87 -9.82 -39.62
N ASN B 32 -20.95 -8.71 -40.35
CA ASN B 32 -22.27 -8.11 -40.61
C ASN B 32 -23.18 -9.10 -41.33
N LYS B 33 -22.63 -9.84 -42.29
CA LYS B 33 -23.41 -10.87 -42.96
C LYS B 33 -23.81 -12.00 -42.01
N TYR B 34 -22.90 -12.48 -41.18
CA TYR B 34 -23.26 -13.60 -40.31
C TYR B 34 -24.27 -13.20 -39.24
N LEU B 35 -24.23 -11.94 -38.79
CA LEU B 35 -25.25 -11.47 -37.86
C LEU B 35 -26.62 -11.50 -38.50
N ALA B 36 -26.72 -11.11 -39.77
CA ALA B 36 -28.02 -11.19 -40.44
C ALA B 36 -28.49 -12.63 -40.50
N TYR B 37 -27.59 -13.56 -40.79
CA TYR B 37 -27.96 -14.96 -40.82
C TYR B 37 -28.46 -15.43 -39.46
N MET B 38 -27.80 -15.00 -38.38
CA MET B 38 -28.22 -15.37 -37.03
C MET B 38 -29.65 -14.93 -36.75
N GLU B 39 -29.97 -13.67 -37.06
CA GLU B 39 -31.33 -13.23 -36.80
C GLU B 39 -32.33 -13.91 -37.75
N SER B 40 -31.91 -14.28 -38.95
CA SER B 40 -32.83 -15.02 -39.81
C SER B 40 -33.19 -16.37 -39.18
N LYS B 41 -32.31 -16.91 -38.34
CA LYS B 41 -32.60 -18.14 -37.61
C LYS B 41 -33.29 -17.87 -36.28
N GLY B 42 -33.60 -16.61 -35.98
CA GLY B 42 -34.28 -16.27 -34.74
C GLY B 42 -33.39 -16.11 -33.52
N ALA B 43 -32.10 -15.85 -33.69
CA ALA B 43 -31.21 -15.77 -32.53
C ALA B 43 -31.60 -14.66 -31.58
N HIS B 44 -32.18 -13.58 -32.11
CA HIS B 44 -32.52 -12.41 -31.30
C HIS B 44 -33.69 -12.65 -30.36
N ARG B 45 -34.49 -13.69 -30.57
CA ARG B 45 -35.64 -13.87 -29.70
C ARG B 45 -35.24 -14.15 -28.25
N ALA B 46 -34.10 -14.80 -28.04
CA ALA B 46 -33.63 -15.06 -26.67
C ALA B 46 -32.93 -13.87 -26.06
N GLY B 47 -32.60 -12.86 -26.84
CA GLY B 47 -31.87 -11.73 -26.31
C GLY B 47 -30.39 -11.91 -26.31
N LEU B 48 -29.90 -13.12 -26.58
CA LEU B 48 -28.50 -13.41 -26.40
C LEU B 48 -28.15 -14.63 -27.23
N ALA B 49 -26.98 -14.63 -27.86
CA ALA B 49 -26.52 -15.77 -28.63
C ALA B 49 -25.02 -15.94 -28.46
N LYS B 50 -24.58 -17.20 -28.57
CA LYS B 50 -23.16 -17.55 -28.55
C LYS B 50 -22.68 -17.86 -29.97
N VAL B 51 -21.49 -17.39 -30.32
CA VAL B 51 -20.84 -17.75 -31.57
C VAL B 51 -19.48 -18.33 -31.24
N ILE B 52 -19.24 -19.57 -31.66
CA ILE B 52 -17.96 -20.23 -31.50
C ILE B 52 -17.20 -20.10 -32.82
N PRO B 53 -16.12 -19.33 -32.88
CA PRO B 53 -15.38 -19.17 -34.16
C PRO B 53 -14.62 -20.44 -34.52
N PRO B 54 -14.26 -20.61 -35.80
CA PRO B 54 -13.42 -21.76 -36.18
C PRO B 54 -12.13 -21.78 -35.39
N LYS B 55 -11.63 -22.99 -35.11
CA LYS B 55 -10.47 -23.19 -34.25
C LYS B 55 -9.22 -22.53 -34.81
N GLU B 56 -9.19 -22.27 -36.11
CA GLU B 56 -8.02 -21.70 -36.75
C GLU B 56 -7.91 -20.19 -36.56
N TRP B 57 -8.99 -19.51 -36.20
CA TRP B 57 -9.00 -18.07 -36.13
C TRP B 57 -8.48 -17.61 -34.77
N LYS B 58 -7.52 -16.69 -34.79
CA LYS B 58 -6.91 -16.24 -33.55
C LYS B 58 -6.72 -14.72 -33.54
N PRO B 59 -7.42 -13.99 -32.67
CA PRO B 59 -7.28 -12.53 -32.65
C PRO B 59 -5.96 -12.02 -32.09
N ARG B 60 -5.17 -12.84 -31.40
CA ARG B 60 -3.90 -12.35 -30.86
C ARG B 60 -2.98 -13.55 -30.69
N GLN B 61 -1.82 -13.52 -31.37
CA GLN B 61 -0.94 -14.68 -31.38
C GLN B 61 -0.44 -15.01 -29.99
N CYS B 62 -0.19 -14.01 -29.16
CA CYS B 62 0.39 -14.26 -27.84
C CYS B 62 -0.13 -13.23 -26.83
N TYR B 63 -0.56 -13.72 -25.67
CA TYR B 63 -1.11 -12.86 -24.62
C TYR B 63 -0.11 -12.50 -23.52
N ASP B 64 1.18 -12.82 -23.70
CA ASP B 64 2.15 -12.64 -22.62
C ASP B 64 2.29 -11.16 -22.23
N ASP B 65 2.30 -10.25 -23.20
CA ASP B 65 2.50 -8.84 -22.89
C ASP B 65 1.29 -8.20 -22.23
N ILE B 66 0.14 -8.88 -22.18
CA ILE B 66 -1.01 -8.33 -21.47
C ILE B 66 -0.74 -8.26 -19.97
N ASP B 67 0.17 -9.09 -19.47
CA ASP B 67 0.51 -9.03 -18.06
C ASP B 67 1.04 -7.66 -17.66
N ASN B 68 1.62 -6.92 -18.60
CA ASN B 68 2.18 -5.61 -18.28
C ASN B 68 1.16 -4.50 -18.36
N LEU B 69 -0.01 -4.76 -18.91
CA LEU B 69 -1.03 -3.73 -19.05
C LEU B 69 -1.56 -3.28 -17.68
N LEU B 70 -1.80 -1.98 -17.55
CA LEU B 70 -2.24 -1.38 -16.29
C LEU B 70 -3.76 -1.25 -16.23
N ILE B 71 -4.33 -1.60 -15.08
CA ILE B 71 -5.75 -1.37 -14.80
C ILE B 71 -5.88 -0.10 -13.96
N PRO B 72 -6.24 1.03 -14.56
CA PRO B 72 -6.16 2.31 -13.84
C PRO B 72 -7.06 2.40 -12.62
N ALA B 73 -8.23 1.78 -12.64
CA ALA B 73 -9.21 1.91 -11.57
C ALA B 73 -9.95 0.60 -11.33
N PRO B 74 -9.32 -0.37 -10.67
CA PRO B 74 -10.03 -1.57 -10.25
C PRO B 74 -11.20 -1.20 -9.35
N ILE B 75 -12.23 -2.04 -9.36
CA ILE B 75 -13.52 -1.77 -8.71
C ILE B 75 -13.80 -2.90 -7.71
N GLN B 76 -13.88 -2.55 -6.42
CA GLN B 76 -14.33 -3.53 -5.43
C GLN B 76 -15.84 -3.48 -5.34
N GLN B 77 -16.49 -4.62 -5.59
CA GLN B 77 -17.96 -4.66 -5.71
C GLN B 77 -18.58 -5.03 -4.37
N MET B 78 -19.32 -4.10 -3.78
CA MET B 78 -19.94 -4.31 -2.49
C MET B 78 -21.41 -4.69 -2.72
N VAL B 79 -21.78 -5.90 -2.33
CA VAL B 79 -23.13 -6.40 -2.52
C VAL B 79 -23.81 -6.45 -1.16
N THR B 80 -25.01 -5.90 -1.08
CA THR B 80 -25.83 -6.04 0.11
C THR B 80 -27.25 -6.48 -0.25
N GLY B 81 -27.81 -7.36 0.55
CA GLY B 81 -29.14 -7.86 0.35
C GLY B 81 -29.22 -9.29 0.84
N GLN B 82 -30.27 -9.98 0.41
CA GLN B 82 -30.49 -11.36 0.86
C GLN B 82 -31.54 -12.02 -0.02
N SER B 83 -31.49 -13.35 -0.06
CA SER B 83 -32.52 -14.20 -0.66
C SER B 83 -32.86 -13.76 -2.09
N GLY B 84 -31.82 -13.74 -2.92
CA GLY B 84 -31.98 -13.52 -4.33
C GLY B 84 -32.10 -12.07 -4.77
N LEU B 85 -32.23 -11.11 -3.84
CA LEU B 85 -32.36 -9.70 -4.20
C LEU B 85 -31.23 -8.91 -3.55
N PHE B 86 -30.45 -8.20 -4.37
CA PHE B 86 -29.25 -7.52 -3.94
C PHE B 86 -29.09 -6.21 -4.69
N THR B 87 -28.56 -5.21 -3.99
CA THR B 87 -27.99 -4.02 -4.58
C THR B 87 -26.48 -4.05 -4.41
N GLN B 88 -25.78 -3.48 -5.39
CA GLN B 88 -24.33 -3.44 -5.46
C GLN B 88 -23.87 -1.98 -5.60
N TYR B 89 -22.79 -1.62 -4.91
CA TYR B 89 -22.10 -0.34 -5.12
C TYR B 89 -20.61 -0.61 -5.21
N ASN B 90 -19.89 0.36 -5.79
CA ASN B 90 -18.49 0.19 -6.15
C ASN B 90 -17.58 1.05 -5.28
N ILE B 91 -16.44 0.51 -4.91
CA ILE B 91 -15.37 1.27 -4.25
C ILE B 91 -14.17 1.21 -5.17
N GLN B 92 -13.67 2.36 -5.61
CA GLN B 92 -12.53 2.33 -6.51
C GLN B 92 -11.24 2.04 -5.73
N LYS B 93 -10.42 1.13 -6.27
CA LYS B 93 -9.13 0.78 -5.66
C LYS B 93 -7.98 1.41 -6.45
N LYS B 94 -6.78 1.31 -5.89
CA LYS B 94 -5.59 1.85 -6.54
C LYS B 94 -5.26 1.05 -7.80
N ALA B 95 -4.55 1.71 -8.73
CA ALA B 95 -4.19 1.06 -9.99
C ALA B 95 -3.32 -0.17 -9.77
N MET B 96 -3.32 -1.06 -10.76
CA MET B 96 -2.82 -2.41 -10.64
C MET B 96 -2.45 -2.89 -12.04
N THR B 97 -1.37 -3.64 -12.16
CA THR B 97 -1.12 -4.30 -13.44
C THR B 97 -1.96 -5.57 -13.53
N VAL B 98 -2.15 -6.04 -14.77
CA VAL B 98 -2.81 -7.32 -14.97
C VAL B 98 -2.09 -8.43 -14.21
N LYS B 99 -0.76 -8.36 -14.14
CA LYS B 99 0.00 -9.38 -13.42
C LYS B 99 -0.33 -9.35 -11.93
N GLU B 100 -0.38 -8.16 -11.34
CA GLU B 100 -0.76 -8.05 -9.94
C GLU B 100 -2.22 -8.48 -9.75
N PHE B 101 -3.10 -8.09 -10.67
CA PHE B 101 -4.51 -8.46 -10.54
C PHE B 101 -4.67 -9.98 -10.62
N ARG B 102 -3.94 -10.62 -11.53
CA ARG B 102 -3.96 -12.08 -11.66
C ARG B 102 -3.50 -12.78 -10.39
N GLN B 103 -2.36 -12.33 -9.83
CA GLN B 103 -1.87 -12.94 -8.60
C GLN B 103 -2.90 -12.80 -7.49
N LEU B 104 -3.57 -11.66 -7.43
CA LEU B 104 -4.58 -11.47 -6.40
C LEU B 104 -5.79 -12.37 -6.62
N ALA B 105 -6.25 -12.48 -7.87
CA ALA B 105 -7.40 -13.34 -8.18
C ALA B 105 -7.13 -14.80 -7.84
N ASN B 106 -5.89 -15.25 -8.01
CA ASN B 106 -5.57 -16.64 -7.71
C ASN B 106 -5.21 -16.87 -6.25
N SER B 107 -5.13 -15.82 -5.41
CA SER B 107 -4.84 -16.07 -4.00
C SER B 107 -6.01 -16.78 -3.33
N GLY B 108 -5.73 -17.34 -2.15
CA GLY B 108 -6.76 -18.07 -1.43
C GLY B 108 -7.98 -17.23 -1.08
N LYS B 109 -7.77 -15.93 -0.87
CA LYS B 109 -8.90 -15.05 -0.54
C LYS B 109 -9.88 -14.88 -1.71
N TYR B 110 -9.39 -14.87 -2.95
CA TYR B 110 -10.23 -14.51 -4.07
C TYR B 110 -10.45 -15.63 -5.09
N CYS B 111 -9.77 -16.76 -4.95
CA CYS B 111 -9.78 -17.76 -6.01
C CYS B 111 -11.11 -18.48 -6.10
N THR B 112 -11.35 -19.09 -7.26
CA THR B 112 -12.52 -19.94 -7.46
C THR B 112 -12.58 -21.02 -6.36
N PRO B 113 -13.73 -21.23 -5.72
CA PRO B 113 -13.86 -22.38 -4.84
C PRO B 113 -13.80 -23.68 -5.64
N ARG B 114 -13.55 -24.78 -4.93
CA ARG B 114 -13.69 -26.09 -5.55
C ARG B 114 -15.16 -26.33 -5.91
N TYR B 115 -15.42 -27.01 -7.03
CA TYR B 115 -16.80 -27.22 -7.46
C TYR B 115 -16.88 -28.48 -8.31
N LEU B 116 -18.09 -29.02 -8.41
CA LEU B 116 -18.34 -30.21 -9.21
C LEU B 116 -18.58 -29.86 -10.68
N ASP B 117 -19.60 -29.05 -10.96
CA ASP B 117 -19.94 -28.63 -12.31
C ASP B 117 -20.47 -27.20 -12.27
N TYR B 118 -20.84 -26.68 -13.44
CA TYR B 118 -21.22 -25.26 -13.53
C TYR B 118 -22.42 -24.93 -12.65
N GLU B 119 -23.37 -25.84 -12.53
CA GLU B 119 -24.55 -25.58 -11.71
C GLU B 119 -24.17 -25.55 -10.23
N ASP B 120 -23.18 -26.36 -9.85
CA ASP B 120 -22.68 -26.30 -8.48
C ASP B 120 -21.97 -24.99 -8.22
N LEU B 121 -21.18 -24.52 -9.19
CA LEU B 121 -20.50 -23.25 -9.04
C LEU B 121 -21.51 -22.10 -8.99
N GLU B 122 -22.58 -22.21 -9.77
CA GLU B 122 -23.64 -21.21 -9.77
C GLU B 122 -24.30 -21.11 -8.40
N ARG B 123 -24.62 -22.24 -7.79
CA ARG B 123 -25.13 -22.20 -6.42
C ARG B 123 -24.16 -21.49 -5.49
N LYS B 124 -22.87 -21.78 -5.60
CA LYS B 124 -21.92 -21.18 -4.67
C LYS B 124 -21.81 -19.68 -4.88
N TYR B 125 -22.01 -19.23 -6.11
CA TYR B 125 -22.00 -17.80 -6.39
C TYR B 125 -23.13 -17.10 -5.65
N TRP B 126 -24.37 -17.61 -5.79
CA TRP B 126 -25.49 -16.96 -5.16
C TRP B 126 -25.46 -17.11 -3.63
N LYS B 127 -24.73 -18.08 -3.09
CA LYS B 127 -24.67 -18.30 -1.64
C LYS B 127 -23.57 -17.49 -0.98
N ASN B 128 -22.56 -17.03 -1.72
CA ASN B 128 -21.40 -16.37 -1.15
C ASN B 128 -21.27 -14.91 -1.58
N LEU B 129 -22.33 -14.33 -2.15
CA LEU B 129 -22.26 -12.95 -2.67
C LEU B 129 -21.89 -11.92 -1.60
N THR B 130 -22.36 -12.10 -0.36
CA THR B 130 -22.20 -11.05 0.66
C THR B 130 -21.03 -11.31 1.62
N PHE B 131 -20.10 -12.19 1.23
CA PHE B 131 -18.89 -12.37 2.04
C PHE B 131 -17.75 -11.56 1.44
N VAL B 132 -16.62 -12.18 1.11
CA VAL B 132 -15.52 -11.41 0.57
C VAL B 132 -15.96 -10.68 -0.69
N ALA B 133 -15.59 -9.40 -0.78
CA ALA B 133 -15.95 -8.52 -1.89
C ALA B 133 -14.95 -8.67 -3.03
N PRO B 134 -15.39 -9.12 -4.21
CA PRO B 134 -14.45 -9.33 -5.32
C PRO B 134 -14.07 -8.00 -5.95
N ILE B 135 -13.00 -8.05 -6.74
CA ILE B 135 -12.42 -6.86 -7.37
C ILE B 135 -12.42 -7.08 -8.87
N TYR B 136 -13.07 -6.16 -9.59
CA TYR B 136 -13.31 -6.26 -11.03
C TYR B 136 -12.49 -5.19 -11.74
N GLY B 137 -11.68 -5.61 -12.70
CA GLY B 137 -11.00 -4.66 -13.56
C GLY B 137 -11.85 -4.35 -14.77
N ALA B 138 -12.94 -3.60 -14.56
CA ALA B 138 -13.99 -3.41 -15.56
C ALA B 138 -13.86 -2.08 -16.27
N ASP B 139 -14.50 -2.00 -17.43
CA ASP B 139 -14.68 -0.74 -18.15
C ASP B 139 -13.35 -0.04 -18.45
N ILE B 140 -12.38 -0.80 -18.94
CA ILE B 140 -11.09 -0.24 -19.34
C ILE B 140 -11.13 0.09 -20.83
N ASN B 141 -10.75 1.32 -21.18
CA ASN B 141 -10.64 1.68 -22.59
C ASN B 141 -9.53 0.88 -23.27
N GLY B 142 -9.87 0.22 -24.37
CA GLY B 142 -8.83 -0.39 -25.20
C GLY B 142 -9.19 -1.73 -25.82
N SER B 143 -8.33 -2.21 -26.69
CA SER B 143 -8.49 -3.50 -27.34
C SER B 143 -7.15 -4.24 -27.33
N ILE B 144 -7.21 -5.56 -27.31
CA ILE B 144 -5.99 -6.35 -27.34
C ILE B 144 -5.91 -7.27 -28.56
N TYR B 145 -6.74 -7.02 -29.56
CA TYR B 145 -6.53 -7.65 -30.86
C TYR B 145 -5.17 -7.25 -31.42
N ASP B 146 -4.54 -8.19 -32.13
CA ASP B 146 -3.39 -7.81 -32.92
C ASP B 146 -3.84 -6.89 -34.04
N GLU B 147 -2.94 -6.01 -34.48
CA GLU B 147 -3.21 -5.17 -35.63
C GLU B 147 -3.32 -6.05 -36.87
N GLY B 148 -4.23 -5.71 -37.76
CA GLY B 148 -4.38 -6.45 -38.98
C GLY B 148 -5.33 -7.63 -38.91
N VAL B 149 -5.88 -7.91 -37.73
CA VAL B 149 -6.97 -8.88 -37.66
C VAL B 149 -8.21 -8.22 -38.24
N ASP B 150 -8.73 -8.76 -39.33
CA ASP B 150 -9.83 -8.07 -39.98
C ASP B 150 -11.19 -8.76 -39.82
N GLU B 151 -11.24 -9.99 -39.32
CA GLU B 151 -12.52 -10.64 -39.06
C GLU B 151 -12.94 -10.38 -37.62
N TRP B 152 -14.18 -9.91 -37.46
CA TRP B 152 -14.80 -9.73 -36.15
C TRP B 152 -13.92 -8.89 -35.22
N ASN B 153 -13.41 -7.79 -35.77
CA ASN B 153 -12.55 -6.91 -34.98
C ASN B 153 -13.44 -5.96 -34.19
N ILE B 154 -13.50 -6.20 -32.88
CA ILE B 154 -14.39 -5.46 -31.98
C ILE B 154 -14.13 -3.96 -32.03
N ALA B 155 -12.90 -3.55 -32.37
CA ALA B 155 -12.55 -2.14 -32.45
C ALA B 155 -13.02 -1.47 -33.72
N ARG B 156 -13.43 -2.23 -34.76
CA ARG B 156 -13.87 -1.61 -36.01
C ARG B 156 -14.81 -2.57 -36.74
N LEU B 157 -16.07 -2.62 -36.29
CA LEU B 157 -17.06 -3.55 -36.83
C LEU B 157 -17.77 -3.06 -38.07
N ASN B 158 -17.82 -1.74 -38.32
CA ASN B 158 -18.43 -1.20 -39.54
C ASN B 158 -19.94 -1.42 -39.57
N THR B 159 -20.63 -0.96 -38.53
CA THR B 159 -22.08 -1.06 -38.51
C THR B 159 -22.68 0.34 -38.74
N VAL B 160 -24.00 0.45 -38.55
CA VAL B 160 -24.69 1.70 -38.81
C VAL B 160 -24.15 2.82 -37.93
N LEU B 161 -23.73 2.49 -36.72
CA LEU B 161 -23.09 3.48 -35.86
C LEU B 161 -21.94 4.15 -36.57
N ASP B 162 -21.03 3.36 -37.15
CA ASP B 162 -19.87 3.94 -37.78
C ASP B 162 -20.24 4.75 -39.01
N VAL B 163 -21.23 4.27 -39.79
CA VAL B 163 -21.66 5.02 -40.97
C VAL B 163 -22.14 6.40 -40.57
N VAL B 164 -22.89 6.48 -39.47
CA VAL B 164 -23.41 7.78 -39.07
C VAL B 164 -22.30 8.67 -38.54
N GLU B 165 -21.32 8.08 -37.84
CA GLU B 165 -20.21 8.87 -37.28
C GLU B 165 -19.33 9.45 -38.38
N GLU B 166 -18.85 8.62 -39.31
CA GLU B 166 -17.85 9.07 -40.27
C GLU B 166 -18.48 9.79 -41.45
N GLU B 167 -19.59 9.27 -41.97
CA GLU B 167 -20.19 9.86 -43.15
C GLU B 167 -21.08 11.06 -42.82
N CYS B 168 -21.65 11.11 -41.61
CA CYS B 168 -22.56 12.19 -41.24
C CYS B 168 -22.02 13.07 -40.11
N GLY B 169 -20.87 12.74 -39.54
CA GLY B 169 -20.26 13.59 -38.55
C GLY B 169 -21.02 13.72 -37.25
N ILE B 170 -21.64 12.65 -36.79
CA ILE B 170 -22.47 12.72 -35.60
C ILE B 170 -21.78 11.96 -34.48
N SER B 171 -21.82 12.53 -33.28
CA SER B 171 -21.17 11.94 -32.11
C SER B 171 -21.92 10.69 -31.68
N ILE B 172 -21.20 9.56 -31.62
CA ILE B 172 -21.77 8.31 -31.13
C ILE B 172 -21.60 8.16 -29.62
N GLU B 173 -20.98 9.15 -28.96
CA GLU B 173 -20.78 9.13 -27.51
C GLU B 173 -19.72 8.13 -27.08
N GLY B 174 -18.73 7.85 -27.94
CA GLY B 174 -17.76 6.81 -27.61
C GLY B 174 -18.37 5.45 -27.36
N VAL B 175 -19.53 5.17 -27.95
CA VAL B 175 -20.27 3.95 -27.65
C VAL B 175 -19.75 2.75 -28.45
N ASN B 176 -19.23 2.99 -29.66
CA ASN B 176 -18.64 1.96 -30.49
C ASN B 176 -17.14 1.82 -30.28
N THR B 177 -16.64 2.12 -29.07
CA THR B 177 -15.23 1.94 -28.79
C THR B 177 -15.06 0.70 -27.89
N PRO B 178 -13.89 0.07 -27.87
CA PRO B 178 -13.75 -1.19 -27.15
C PRO B 178 -13.44 -0.99 -25.67
N TYR B 179 -13.91 -1.94 -24.88
CA TYR B 179 -13.62 -2.00 -23.45
C TYR B 179 -13.12 -3.38 -23.05
N LEU B 180 -12.19 -3.41 -22.10
CA LEU B 180 -11.66 -4.63 -21.51
C LEU B 180 -12.24 -4.86 -20.12
N TYR B 181 -12.46 -6.14 -19.79
CA TYR B 181 -12.93 -6.57 -18.48
C TYR B 181 -12.04 -7.69 -17.99
N PHE B 182 -11.28 -7.44 -16.92
CA PHE B 182 -10.48 -8.46 -16.26
C PHE B 182 -11.27 -8.93 -15.04
N GLY B 183 -11.80 -10.14 -15.11
CA GLY B 183 -12.64 -10.64 -14.05
C GLY B 183 -11.84 -11.46 -13.03
N MET B 184 -12.44 -11.63 -11.87
CA MET B 184 -12.03 -12.66 -10.93
C MET B 184 -13.30 -13.36 -10.46
N TRP B 185 -13.09 -14.47 -9.76
CA TRP B 185 -14.22 -15.23 -9.22
C TRP B 185 -15.20 -14.31 -8.53
N LYS B 186 -16.48 -14.44 -8.87
CA LYS B 186 -17.59 -13.80 -8.20
C LYS B 186 -17.80 -12.34 -8.66
N THR B 187 -16.94 -11.78 -9.53
CA THR B 187 -17.25 -10.47 -10.10
C THR B 187 -18.52 -10.57 -10.92
N THR B 188 -19.30 -9.48 -10.93
CA THR B 188 -20.70 -9.50 -11.32
C THR B 188 -20.98 -8.42 -12.34
N PHE B 189 -21.84 -8.73 -13.32
CA PHE B 189 -22.56 -7.69 -14.05
C PHE B 189 -24.04 -7.86 -13.78
N ALA B 190 -24.68 -6.80 -13.25
CA ALA B 190 -26.07 -6.80 -12.84
C ALA B 190 -27.01 -6.69 -14.04
N TRP B 191 -28.32 -6.85 -13.75
CA TRP B 191 -29.33 -6.87 -14.80
C TRP B 191 -29.40 -5.55 -15.57
N HIS B 192 -29.25 -5.63 -16.89
CA HIS B 192 -29.33 -4.40 -17.69
C HIS B 192 -29.55 -4.74 -19.15
N THR B 193 -30.06 -3.77 -19.88
CA THR B 193 -29.87 -3.71 -21.31
C THR B 193 -28.78 -2.69 -21.60
N GLU B 194 -28.35 -2.64 -22.85
CA GLU B 194 -27.31 -1.73 -23.26
C GLU B 194 -27.84 -0.31 -23.36
N ASP B 195 -26.93 0.66 -23.27
CA ASP B 195 -27.29 2.05 -23.51
C ASP B 195 -28.04 2.18 -24.82
N MET B 196 -29.13 2.95 -24.80
CA MET B 196 -30.01 3.14 -25.95
C MET B 196 -30.57 1.82 -26.46
N ASP B 197 -30.54 0.77 -25.63
CA ASP B 197 -30.97 -0.58 -26.02
C ASP B 197 -30.26 -1.09 -27.27
N LEU B 198 -28.95 -0.86 -27.32
CA LEU B 198 -28.11 -1.26 -28.44
C LEU B 198 -27.78 -2.75 -28.38
N TYR B 199 -27.21 -3.24 -29.48
CA TYR B 199 -26.55 -4.54 -29.43
C TYR B 199 -25.24 -4.43 -28.66
N SER B 200 -24.75 -5.57 -28.19
CA SER B 200 -23.36 -5.62 -27.77
C SER B 200 -22.72 -6.92 -28.26
N ILE B 201 -21.41 -6.92 -28.34
CA ILE B 201 -20.66 -8.13 -28.63
C ILE B 201 -19.56 -8.27 -27.58
N ASN B 202 -19.31 -9.51 -27.14
CA ASN B 202 -18.37 -9.76 -26.06
C ASN B 202 -17.54 -10.97 -26.43
N TYR B 203 -16.23 -10.80 -26.43
CA TYR B 203 -15.30 -11.88 -26.72
C TYR B 203 -14.46 -12.18 -25.49
N LEU B 204 -14.44 -13.43 -25.06
CA LEU B 204 -13.61 -13.86 -23.94
C LEU B 204 -12.25 -14.28 -24.50
N HIS B 205 -11.24 -13.42 -24.30
CA HIS B 205 -9.91 -13.66 -24.84
C HIS B 205 -9.22 -14.86 -24.19
N PHE B 206 -9.21 -14.91 -22.86
CA PHE B 206 -8.56 -16.01 -22.14
C PHE B 206 -9.05 -16.04 -20.70
N GLY B 207 -8.69 -17.13 -20.01
CA GLY B 207 -9.02 -17.34 -18.60
C GLY B 207 -10.24 -18.22 -18.41
N GLU B 208 -10.79 -18.14 -17.20
CA GLU B 208 -11.94 -18.89 -16.73
C GLU B 208 -13.24 -18.37 -17.33
N PRO B 209 -14.28 -19.20 -17.35
CA PRO B 209 -15.52 -18.85 -18.08
C PRO B 209 -16.26 -17.66 -17.49
N LYS B 210 -17.31 -17.27 -18.22
CA LYS B 210 -18.24 -16.21 -17.81
C LYS B 210 -19.66 -16.73 -18.00
N SER B 211 -20.44 -16.80 -16.91
CA SER B 211 -21.81 -17.30 -16.99
C SER B 211 -22.80 -16.15 -17.19
N TRP B 212 -23.85 -16.42 -17.97
CA TRP B 212 -24.77 -15.39 -18.45
C TRP B 212 -26.21 -15.81 -18.16
N TYR B 213 -27.03 -14.83 -17.79
CA TYR B 213 -28.48 -14.98 -17.76
C TYR B 213 -29.05 -14.00 -18.76
N ALA B 214 -30.12 -14.38 -19.43
CA ALA B 214 -30.72 -13.55 -20.45
C ALA B 214 -32.23 -13.73 -20.42
N ILE B 215 -32.93 -12.63 -20.59
CA ILE B 215 -34.38 -12.59 -20.65
C ILE B 215 -34.78 -12.17 -22.06
N PRO B 216 -35.70 -12.88 -22.70
CA PRO B 216 -36.10 -12.52 -24.09
C PRO B 216 -36.60 -11.10 -24.15
N PRO B 217 -36.27 -10.35 -25.21
CA PRO B 217 -36.77 -8.98 -25.31
C PRO B 217 -38.28 -8.86 -25.17
N GLU B 218 -39.05 -9.85 -25.63
CA GLU B 218 -40.50 -9.77 -25.46
C GLU B 218 -40.94 -9.91 -24.02
N HIS B 219 -40.05 -10.27 -23.10
CA HIS B 219 -40.43 -10.33 -21.70
C HIS B 219 -39.73 -9.29 -20.84
N GLY B 220 -39.00 -8.36 -21.47
CA GLY B 220 -38.23 -7.40 -20.70
C GLY B 220 -39.08 -6.52 -19.80
N LYS B 221 -40.27 -6.11 -20.28
CA LYS B 221 -41.13 -5.27 -19.46
C LYS B 221 -41.58 -5.98 -18.19
N ARG B 222 -41.68 -7.31 -18.22
CA ARG B 222 -42.07 -8.03 -17.02
C ARG B 222 -40.95 -8.03 -15.99
N LEU B 223 -39.70 -8.09 -16.46
CA LEU B 223 -38.56 -7.93 -15.55
C LEU B 223 -38.57 -6.57 -14.90
N GLU B 224 -38.80 -5.51 -15.68
CA GLU B 224 -38.88 -4.17 -15.13
C GLU B 224 -39.95 -4.06 -14.04
N ARG B 225 -41.13 -4.64 -14.28
CA ARG B 225 -42.19 -4.54 -13.29
C ARG B 225 -41.84 -5.29 -12.01
N LEU B 226 -41.26 -6.48 -12.14
CA LEU B 226 -40.82 -7.21 -10.96
C LEU B 226 -39.75 -6.42 -10.19
N ALA B 227 -38.75 -5.89 -10.91
CA ALA B 227 -37.70 -5.11 -10.27
C ALA B 227 -38.27 -3.88 -9.57
N GLN B 228 -39.20 -3.18 -10.22
CA GLN B 228 -39.82 -2.02 -9.59
C GLN B 228 -40.52 -2.40 -8.28
N GLY B 229 -41.17 -3.56 -8.25
CA GLY B 229 -41.84 -3.98 -7.04
C GLY B 229 -40.87 -4.35 -5.93
N PHE B 230 -39.72 -4.93 -6.28
CA PHE B 230 -38.76 -5.33 -5.27
C PHE B 230 -37.82 -4.22 -4.85
N PHE B 231 -37.60 -3.24 -5.72
CA PHE B 231 -36.70 -2.12 -5.43
C PHE B 231 -37.48 -0.82 -5.62
N PRO B 232 -38.47 -0.57 -4.76
CA PRO B 232 -39.31 0.63 -4.96
C PRO B 232 -38.56 1.92 -4.77
N SER B 233 -37.59 1.96 -3.85
CA SER B 233 -36.82 3.18 -3.66
C SER B 233 -35.99 3.51 -4.88
N SER B 234 -35.21 2.54 -5.36
CA SER B 234 -34.49 2.70 -6.62
C SER B 234 -35.42 3.18 -7.73
N SER B 235 -36.64 2.64 -7.77
CA SER B 235 -37.55 2.92 -8.88
C SER B 235 -38.10 4.34 -8.79
N GLN B 236 -38.37 4.82 -7.58
CA GLN B 236 -38.84 6.20 -7.46
C GLN B 236 -37.74 7.21 -7.77
N GLY B 237 -36.47 6.83 -7.62
CA GLY B 237 -35.39 7.74 -7.97
C GLY B 237 -35.15 7.88 -9.46
N CYS B 238 -35.44 6.85 -10.25
CA CYS B 238 -35.07 6.86 -11.67
C CYS B 238 -35.99 5.92 -12.43
N ASP B 239 -36.59 6.44 -13.51
CA ASP B 239 -37.48 5.64 -14.34
C ASP B 239 -36.76 4.46 -14.96
N ALA B 240 -35.45 4.58 -15.19
CA ALA B 240 -34.69 3.49 -15.79
C ALA B 240 -33.56 3.04 -14.87
N PHE B 241 -33.89 2.69 -13.61
CA PHE B 241 -32.82 2.50 -12.62
C PHE B 241 -31.98 1.26 -12.90
N LEU B 242 -32.50 0.26 -13.61
CA LEU B 242 -31.67 -0.88 -13.95
C LEU B 242 -30.47 -0.49 -14.81
N ARG B 243 -30.54 0.65 -15.52
CA ARG B 243 -29.38 1.11 -16.29
C ARG B 243 -28.20 1.50 -15.41
N HIS B 244 -28.40 1.71 -14.11
CA HIS B 244 -27.28 1.94 -13.23
C HIS B 244 -26.45 0.68 -13.01
N LYS B 245 -26.95 -0.49 -13.38
CA LYS B 245 -26.22 -1.75 -13.26
C LYS B 245 -25.85 -2.05 -11.81
N MET B 246 -26.77 -1.77 -10.90
CA MET B 246 -26.55 -2.07 -9.50
C MET B 246 -27.51 -3.10 -8.93
N THR B 247 -28.39 -3.69 -9.74
CA THR B 247 -29.52 -4.50 -9.25
C THR B 247 -29.30 -5.97 -9.61
N LEU B 248 -29.24 -6.83 -8.59
CA LEU B 248 -29.07 -8.27 -8.77
C LEU B 248 -30.37 -8.97 -8.41
N ILE B 249 -30.80 -9.89 -9.27
CA ILE B 249 -31.97 -10.72 -9.01
C ILE B 249 -31.62 -12.15 -9.41
N SER B 250 -31.71 -13.08 -8.46
CA SER B 250 -31.23 -14.42 -8.71
C SER B 250 -32.22 -15.20 -9.56
N PRO B 251 -31.77 -16.26 -10.23
CA PRO B 251 -32.72 -17.06 -11.03
C PRO B 251 -33.81 -17.73 -10.22
N SER B 252 -33.58 -17.97 -8.92
CA SER B 252 -34.63 -18.53 -8.08
C SER B 252 -35.82 -17.59 -7.98
N VAL B 253 -35.55 -16.29 -7.85
CA VAL B 253 -36.63 -15.31 -7.78
C VAL B 253 -37.34 -15.22 -9.12
N LEU B 254 -36.58 -15.16 -10.21
CA LEU B 254 -37.18 -15.10 -11.54
C LEU B 254 -38.12 -16.28 -11.77
N LYS B 255 -37.70 -17.50 -11.40
CA LYS B 255 -38.56 -18.67 -11.56
C LYS B 255 -39.81 -18.56 -10.72
N LYS B 256 -39.67 -18.09 -9.49
CA LYS B 256 -40.82 -18.01 -8.59
C LYS B 256 -41.90 -17.10 -9.16
N TYR B 257 -41.50 -16.00 -9.79
CA TYR B 257 -42.46 -15.06 -10.34
C TYR B 257 -42.70 -15.23 -11.82
N GLY B 258 -42.23 -16.34 -12.40
CA GLY B 258 -42.51 -16.65 -13.78
C GLY B 258 -41.92 -15.69 -14.80
N ILE B 259 -40.72 -15.20 -14.58
CA ILE B 259 -39.99 -14.44 -15.59
C ILE B 259 -39.21 -15.42 -16.44
N PRO B 260 -39.50 -15.57 -17.73
CA PRO B 260 -38.74 -16.52 -18.56
C PRO B 260 -37.31 -16.02 -18.76
N PHE B 261 -36.36 -16.94 -18.66
CA PHE B 261 -34.95 -16.61 -18.82
C PHE B 261 -34.23 -17.88 -19.22
N ASP B 262 -32.99 -17.70 -19.69
CA ASP B 262 -32.14 -18.84 -19.99
C ASP B 262 -30.75 -18.52 -19.49
N LYS B 263 -29.91 -19.54 -19.37
CA LYS B 263 -28.56 -19.36 -18.88
C LYS B 263 -27.60 -20.13 -19.76
N ILE B 264 -26.40 -19.58 -19.92
CA ILE B 264 -25.37 -20.22 -20.73
C ILE B 264 -24.03 -19.77 -20.18
N THR B 265 -23.00 -20.60 -20.37
CA THR B 265 -21.65 -20.27 -19.93
C THR B 265 -20.76 -20.08 -21.15
N GLN B 266 -20.07 -18.94 -21.18
CA GLN B 266 -19.18 -18.56 -22.27
C GLN B 266 -17.78 -18.97 -21.85
N GLU B 267 -17.11 -19.76 -22.69
CA GLU B 267 -15.74 -20.18 -22.42
C GLU B 267 -14.77 -19.37 -23.27
N ALA B 268 -13.48 -19.50 -22.95
CA ALA B 268 -12.45 -18.71 -23.63
C ALA B 268 -12.49 -18.97 -25.13
N GLY B 269 -12.30 -17.92 -25.92
CA GLY B 269 -12.37 -18.07 -27.36
C GLY B 269 -13.76 -17.98 -27.94
N GLU B 270 -14.76 -17.63 -27.16
CA GLU B 270 -16.14 -17.59 -27.66
C GLU B 270 -16.71 -16.17 -27.60
N PHE B 271 -17.54 -15.84 -28.59
CA PHE B 271 -18.31 -14.61 -28.64
C PHE B 271 -19.70 -14.79 -28.03
N MET B 272 -20.16 -13.77 -27.31
CA MET B 272 -21.57 -13.62 -26.98
C MET B 272 -22.08 -12.32 -27.60
N ILE B 273 -23.27 -12.35 -28.17
CA ILE B 273 -23.91 -11.18 -28.74
C ILE B 273 -25.22 -10.95 -28.01
N THR B 274 -25.41 -9.73 -27.47
CA THR B 274 -26.69 -9.35 -26.89
C THR B 274 -27.45 -8.50 -27.91
N PHE B 275 -28.77 -8.68 -27.94
CA PHE B 275 -29.62 -8.05 -28.94
C PHE B 275 -30.42 -6.93 -28.29
N PRO B 276 -30.97 -6.00 -29.10
CA PRO B 276 -31.65 -4.84 -28.52
C PRO B 276 -32.73 -5.25 -27.53
N TYR B 277 -32.66 -4.64 -26.35
CA TYR B 277 -33.61 -4.82 -25.25
C TYR B 277 -33.53 -6.23 -24.66
N GLY B 278 -32.39 -6.89 -24.81
CA GLY B 278 -32.18 -8.15 -24.15
C GLY B 278 -31.53 -7.94 -22.80
N TYR B 279 -32.30 -8.09 -21.74
CA TYR B 279 -31.73 -8.00 -20.40
C TYR B 279 -30.79 -9.17 -20.18
N HIS B 280 -29.63 -8.87 -19.60
CA HIS B 280 -28.66 -9.90 -19.29
C HIS B 280 -27.95 -9.53 -18.00
N ALA B 281 -27.40 -10.56 -17.36
CA ALA B 281 -26.63 -10.45 -16.14
C ALA B 281 -25.75 -11.69 -16.06
N GLY B 282 -24.80 -11.69 -15.13
CA GLY B 282 -23.95 -12.85 -14.96
C GLY B 282 -22.79 -12.60 -14.01
N PHE B 283 -21.79 -13.49 -14.08
CA PHE B 283 -20.65 -13.50 -13.17
C PHE B 283 -19.48 -14.25 -13.78
N ASN B 284 -18.27 -13.88 -13.35
CA ASN B 284 -17.06 -14.55 -13.79
C ASN B 284 -16.69 -15.70 -12.87
N HIS B 285 -16.25 -16.81 -13.48
CA HIS B 285 -15.86 -18.00 -12.72
C HIS B 285 -14.51 -17.83 -12.05
N GLY B 286 -13.66 -16.97 -12.59
CA GLY B 286 -12.29 -16.89 -12.15
C GLY B 286 -11.57 -15.83 -12.93
N PHE B 287 -10.25 -15.80 -12.81
CA PHE B 287 -9.49 -14.80 -13.54
C PHE B 287 -9.69 -14.98 -15.04
N ASN B 288 -10.12 -13.91 -15.72
CA ASN B 288 -10.31 -13.97 -17.17
C ASN B 288 -10.15 -12.57 -17.75
N CYS B 289 -10.25 -12.48 -19.08
CA CYS B 289 -10.11 -11.22 -19.80
C CYS B 289 -11.07 -11.21 -20.97
N ALA B 290 -11.99 -10.25 -20.99
CA ALA B 290 -12.99 -10.14 -22.05
C ALA B 290 -12.94 -8.76 -22.68
N GLU B 291 -13.37 -8.67 -23.93
CA GLU B 291 -13.41 -7.42 -24.68
C GLU B 291 -14.81 -7.23 -25.26
N SER B 292 -15.34 -6.00 -25.22
CA SER B 292 -16.69 -5.81 -25.74
C SER B 292 -16.89 -4.41 -26.27
N THR B 293 -17.92 -4.27 -27.12
CA THR B 293 -18.34 -2.97 -27.63
C THR B 293 -19.83 -3.05 -27.94
N ASN B 294 -20.43 -1.88 -28.16
CA ASN B 294 -21.80 -1.78 -28.64
C ASN B 294 -21.79 -1.54 -30.14
N PHE B 295 -22.88 -1.95 -30.80
CA PHE B 295 -23.07 -1.65 -32.22
C PHE B 295 -24.57 -1.61 -32.49
N ALA B 296 -24.94 -1.24 -33.72
CA ALA B 296 -26.33 -1.14 -34.12
C ALA B 296 -26.54 -1.72 -35.52
N THR B 297 -27.77 -2.14 -35.79
CA THR B 297 -28.26 -2.45 -37.13
C THR B 297 -29.49 -1.59 -37.38
N VAL B 298 -30.02 -1.68 -38.60
CA VAL B 298 -31.20 -0.91 -38.91
C VAL B 298 -32.37 -1.34 -38.03
N ARG B 299 -32.45 -2.64 -37.70
CA ARG B 299 -33.54 -3.14 -36.89
C ARG B 299 -33.55 -2.53 -35.50
N TRP B 300 -32.37 -2.14 -35.00
CA TRP B 300 -32.30 -1.50 -33.70
C TRP B 300 -32.97 -0.13 -33.66
N ILE B 301 -33.11 0.54 -34.81
CA ILE B 301 -33.55 1.93 -34.83
C ILE B 301 -34.89 2.09 -34.11
N ASP B 302 -35.84 1.19 -34.34
CA ASP B 302 -37.11 1.29 -33.65
C ASP B 302 -36.94 1.09 -32.14
N TYR B 303 -36.00 0.25 -31.70
CA TYR B 303 -35.71 0.15 -30.27
C TYR B 303 -35.15 1.46 -29.74
N GLY B 304 -34.20 2.05 -30.48
CA GLY B 304 -33.60 3.29 -30.03
C GLY B 304 -34.60 4.39 -29.82
N LYS B 305 -35.58 4.51 -30.74
CA LYS B 305 -36.59 5.57 -30.66
C LYS B 305 -37.46 5.49 -29.41
N VAL B 306 -37.62 4.31 -28.80
CA VAL B 306 -38.49 4.20 -27.64
C VAL B 306 -37.73 3.79 -26.37
N ALA B 307 -36.39 3.84 -26.37
CA ALA B 307 -35.63 3.37 -25.21
C ALA B 307 -35.91 4.25 -24.00
N LYS B 308 -36.15 3.63 -22.85
CA LYS B 308 -36.37 4.32 -21.58
C LYS B 308 -35.04 4.72 -20.97
N LEU B 309 -34.83 6.00 -20.75
CA LEU B 309 -33.48 6.41 -20.37
C LEU B 309 -33.39 6.89 -18.94
N CYS B 310 -32.13 6.99 -18.49
CA CYS B 310 -31.89 7.34 -17.09
C CYS B 310 -32.23 8.81 -16.87
N THR B 311 -33.07 9.06 -15.88
CA THR B 311 -33.57 10.38 -15.56
C THR B 311 -33.01 10.91 -14.25
N CYS B 312 -31.99 10.26 -13.69
CA CYS B 312 -31.47 10.69 -12.39
C CYS B 312 -30.04 11.20 -12.45
N ARG B 313 -29.29 10.91 -13.50
CA ARG B 313 -27.88 11.26 -13.57
C ARG B 313 -27.60 12.15 -14.77
N LYS B 314 -26.64 13.06 -14.60
CA LYS B 314 -26.35 14.07 -15.60
C LYS B 314 -25.77 13.45 -16.87
N ASP B 315 -24.64 12.76 -16.75
CA ASP B 315 -23.90 12.30 -17.93
C ASP B 315 -24.10 10.80 -18.13
N MET B 316 -25.32 10.45 -18.55
CA MET B 316 -25.60 9.14 -19.10
C MET B 316 -25.53 9.22 -20.62
N VAL B 317 -25.41 8.05 -21.25
CA VAL B 317 -25.24 7.98 -22.69
C VAL B 317 -26.59 8.22 -23.35
N LYS B 318 -26.63 9.25 -24.17
CA LYS B 318 -27.83 9.66 -24.86
C LYS B 318 -27.48 9.97 -26.31
N ILE B 319 -27.99 9.17 -27.24
CA ILE B 319 -27.71 9.37 -28.66
C ILE B 319 -28.98 9.88 -29.34
N SER B 320 -28.86 10.95 -30.12
CA SER B 320 -30.03 11.43 -30.83
C SER B 320 -30.38 10.50 -31.98
N MET B 321 -31.66 10.18 -32.10
CA MET B 321 -32.14 9.23 -33.10
C MET B 321 -32.47 9.87 -34.44
N ASP B 322 -32.40 11.20 -34.53
CA ASP B 322 -32.87 11.93 -35.71
C ASP B 322 -32.18 11.45 -37.00
N ILE B 323 -30.85 11.37 -36.99
CA ILE B 323 -30.14 10.99 -38.21
C ILE B 323 -30.54 9.59 -38.65
N PHE B 324 -30.72 8.65 -37.71
CA PHE B 324 -31.05 7.28 -38.10
C PHE B 324 -32.44 7.21 -38.71
N VAL B 325 -33.42 7.90 -38.11
CA VAL B 325 -34.76 7.95 -38.69
C VAL B 325 -34.73 8.65 -40.04
N ARG B 326 -34.02 9.77 -40.14
CA ARG B 326 -34.00 10.51 -41.40
C ARG B 326 -33.38 9.68 -42.53
N LYS B 327 -32.25 9.01 -42.26
CA LYS B 327 -31.58 8.31 -43.35
C LYS B 327 -32.19 6.94 -43.63
N PHE B 328 -32.52 6.18 -42.58
CA PHE B 328 -32.95 4.80 -42.79
C PHE B 328 -34.45 4.60 -42.69
N GLN B 329 -35.18 5.57 -42.15
CA GLN B 329 -36.64 5.47 -42.06
C GLN B 329 -37.31 6.65 -42.74
N PRO B 330 -36.92 6.99 -43.98
CA PRO B 330 -37.44 8.25 -44.57
C PRO B 330 -38.95 8.30 -44.65
N ASP B 331 -39.63 7.14 -44.75
CA ASP B 331 -41.09 7.12 -44.87
C ASP B 331 -41.81 7.48 -43.57
N ARG B 332 -41.10 7.47 -42.45
CA ARG B 332 -41.74 7.76 -41.17
C ARG B 332 -41.12 8.95 -40.47
N TYR B 333 -40.16 9.60 -41.11
CA TYR B 333 -39.38 10.64 -40.46
C TYR B 333 -40.26 11.79 -40.00
N GLN B 334 -41.02 12.37 -40.92
CA GLN B 334 -41.86 13.50 -40.54
C GLN B 334 -42.94 13.10 -39.56
N LEU B 335 -43.58 11.95 -39.79
CA LEU B 335 -44.54 11.43 -38.83
C LEU B 335 -43.89 11.29 -37.45
N TRP B 336 -42.63 10.86 -37.43
CA TRP B 336 -41.96 10.66 -36.16
C TRP B 336 -41.65 11.99 -35.50
N LYS B 337 -41.24 13.00 -36.27
CA LYS B 337 -40.98 14.30 -35.66
C LYS B 337 -42.27 15.00 -35.25
N GLN B 338 -43.41 14.64 -35.83
CA GLN B 338 -44.68 15.11 -35.32
C GLN B 338 -45.09 14.41 -34.02
N GLY B 339 -44.40 13.35 -33.61
CA GLY B 339 -44.87 12.56 -32.50
C GLY B 339 -45.94 11.57 -32.84
N LYS B 340 -46.28 11.39 -34.12
CA LYS B 340 -47.32 10.47 -34.54
C LYS B 340 -46.78 9.10 -34.99
N ASP B 341 -45.50 8.82 -34.81
CA ASP B 341 -44.97 7.49 -35.14
C ASP B 341 -45.13 6.58 -33.92
N ILE B 342 -46.38 6.20 -33.67
CA ILE B 342 -46.74 5.36 -32.53
C ILE B 342 -46.80 3.92 -32.99
N TYR B 343 -46.22 3.02 -32.20
CA TYR B 343 -46.16 1.62 -32.58
C TYR B 343 -45.73 0.82 -31.36
N THR B 344 -45.95 -0.49 -31.44
CA THR B 344 -45.39 -1.45 -30.50
C THR B 344 -44.48 -2.41 -31.25
N ILE B 345 -43.29 -2.64 -30.70
CA ILE B 345 -42.27 -3.40 -31.41
C ILE B 345 -42.65 -4.88 -31.45
N ASP B 346 -42.46 -5.50 -32.61
CA ASP B 346 -42.51 -6.96 -32.71
C ASP B 346 -41.08 -7.48 -32.51
N HIS B 347 -40.85 -8.11 -31.35
CA HIS B 347 -39.52 -8.63 -31.03
C HIS B 347 -39.19 -9.92 -31.76
N THR B 348 -40.15 -10.51 -32.47
CA THR B 348 -39.92 -11.72 -33.23
C THR B 348 -39.54 -11.48 -34.69
N LYS B 349 -39.97 -10.36 -35.28
CA LYS B 349 -39.64 -10.05 -36.68
C LYS B 349 -38.18 -9.66 -36.84
NI NI C . 22.73 8.52 23.23
OAT MMK D . 28.03 6.50 27.44
CAS MMK D . 27.81 6.04 26.28
OAU MMK D . 28.58 5.20 25.73
CAO MMK D . 26.58 6.52 25.54
CAN MMK D . 26.23 7.86 25.65
CAP MMK D . 25.83 5.63 24.78
CAQ MMK D . 24.71 6.15 24.15
NAR MMK D . 24.38 7.43 24.27
CAM MMK D . 25.09 8.29 24.98
CAL MMK D . 24.63 9.75 25.06
N MMK D . 24.06 10.16 23.78
CA MMK D . 25.17 10.41 22.87
C MMK D . 25.48 11.92 22.85
O MMK D . 24.84 12.64 23.53
NAC MMK D . 26.57 12.45 22.02
CAB MMK D . 27.39 11.57 21.19
CAA MMK D . 26.77 11.48 19.81
CAD MMK D . 26.84 13.87 22.02
CAE MMK D . 27.57 14.30 23.29
NAF MMK D . 27.20 15.68 23.61
CAH MMK D . 25.88 15.71 24.21
CAG MMK D . 28.18 16.20 24.56
ZN ZN E . 15.80 21.04 31.13
CL CL F . 30.14 -4.61 41.70
C1 EDO G . 16.83 -0.90 -1.91
O1 EDO G . 17.86 -0.80 -2.90
C2 EDO G . 15.60 -0.13 -2.35
O2 EDO G . 14.51 -0.53 -1.51
NI NI H . -24.15 -5.61 -21.21
OAT MMK I . -18.82 -7.60 -17.02
CAS MMK I . -19.11 -8.11 -18.14
OAU MMK I . -18.47 -9.08 -18.64
CAO MMK I . -20.31 -7.58 -18.87
CAN MMK I . -20.64 -6.24 -18.73
CAP MMK I . -21.07 -8.45 -19.65
CAQ MMK I . -22.17 -7.92 -20.27
NAR MMK I . -22.48 -6.65 -20.14
CAM MMK I . -21.77 -5.82 -19.42
CAL MMK I . -22.23 -4.35 -19.34
N MMK I . -22.81 -3.96 -20.63
CA MMK I . -21.68 -3.67 -21.53
C MMK I . -21.32 -2.16 -21.54
O MMK I . -21.94 -1.42 -20.85
NAC MMK I . -20.25 -1.63 -22.38
CAB MMK I . -19.46 -2.51 -23.23
CAA MMK I . -20.22 -2.74 -24.55
CAD MMK I . -19.96 -0.19 -22.36
CAE MMK I . -19.13 0.17 -21.12
NAF MMK I . -19.41 1.51 -20.64
CAH MMK I . -20.76 1.63 -20.10
CAG MMK I . -18.44 1.83 -19.60
ZN ZN J . -30.82 7.03 -13.51
CL CL K . -16.92 -18.71 -2.71
#